data_9GIH
#
_entry.id   9GIH
#
_cell.length_a   79.976
_cell.length_b   80.764
_cell.length_c   166.815
_cell.angle_alpha   90
_cell.angle_beta   90
_cell.angle_gamma   90
#
_symmetry.space_group_name_H-M   'P 21 21 21'
#
loop_
_entity.id
_entity.type
_entity.pdbx_description
1 polymer 'N-glycosylase/DNA lyase'
2 non-polymer ~{N}-(3,4-dichlorophenyl)-1~{H}-pyrazolo[3,4-b]pyridin-4-amine
3 non-polymer 'NICKEL (II) ION'
4 non-polymer 'SULFATE ION'
5 water water
#
_entity_poly.entity_id   1
_entity_poly.type   'polypeptide(L)'
_entity_poly.pdbx_seq_one_letter_code
;GSHMRHRTLSSSPALWASIPCPRSELRLDLVLASGQSFRWKEQSPAHWSGVLADQVWTLTQTEDQLYCTVYRGDDSQVSR
PTLEELETLHKYFQLDVSLAQLYSHWASVDSHFQRVAQKFQGVRLLRQDPTECLFSFICSSNNNIARITGMVERLCQAFG
PRLIQLDDVTYHGFPNLHALAGPEAETHLRKLGLGYRARYVRASAKAILEEQGGPAWLQQLRVAPYEEAHKALCTLPGVG
AKVADCICLMALDKPQAVPVDVHVWQIAHRDYGWHPKTSQAKGPSPLANKELGNFFRNLWGPYAGWAQAVLFSADLRQ
;
_entity_poly.pdbx_strand_id   A,B,C
#
loop_
_chem_comp.id
_chem_comp.type
_chem_comp.name
_chem_comp.formula
A1IL2 non-polymer ~{N}-(3,4-dichlorophenyl)-1~{H}-pyrazolo[3,4-b]pyridin-4-amine 'C12 H8 Cl2 N4'
NI non-polymer 'NICKEL (II) ION' 'Ni 2'
SO4 non-polymer 'SULFATE ION' 'O4 S -2'
#
# COMPACT_ATOMS: atom_id res chain seq x y z
N HIS A 3 -2.88 32.31 -34.37
CA HIS A 3 -3.60 33.48 -33.80
C HIS A 3 -4.00 33.13 -32.37
N MET A 4 -5.08 32.36 -32.23
CA MET A 4 -5.85 32.21 -31.01
C MET A 4 -5.07 31.44 -29.95
N ARG A 5 -5.24 31.86 -28.69
CA ARG A 5 -4.45 31.37 -27.56
C ARG A 5 -5.35 30.65 -26.56
N HIS A 6 -4.79 29.71 -25.77
CA HIS A 6 -5.56 29.09 -24.70
C HIS A 6 -5.81 30.09 -23.57
N ARG A 7 -7.07 30.25 -23.19
CA ARG A 7 -7.46 31.21 -22.18
C ARG A 7 -7.23 30.70 -20.76
N THR A 8 -7.01 31.66 -19.86
CA THR A 8 -7.08 31.42 -18.42
C THR A 8 -8.10 32.39 -17.83
N LEU A 9 -8.47 32.16 -16.57
CA LEU A 9 -9.53 32.93 -15.93
C LEU A 9 -9.04 34.34 -15.63
N SER A 10 -7.72 34.51 -15.47
CA SER A 10 -7.07 35.80 -15.29
C SER A 10 -7.05 36.63 -16.56
N SER A 11 -6.79 35.98 -17.70
CA SER A 11 -6.43 36.65 -18.95
C SER A 11 -7.63 37.25 -19.66
N SER A 12 -8.83 36.67 -19.46
CA SER A 12 -9.94 37.00 -20.35
C SER A 12 -11.26 36.74 -19.65
N PRO A 13 -11.48 37.31 -18.44
CA PRO A 13 -12.62 36.96 -17.60
C PRO A 13 -13.97 37.25 -18.26
N ALA A 14 -13.97 38.22 -19.17
CA ALA A 14 -15.13 38.51 -19.99
C ALA A 14 -15.66 37.24 -20.66
N LEU A 15 -14.78 36.27 -20.98
CA LEU A 15 -15.15 35.16 -21.86
C LEU A 15 -15.57 33.92 -21.08
N TRP A 16 -15.68 34.02 -19.74
CA TRP A 16 -15.99 32.88 -18.91
C TRP A 16 -17.40 32.96 -18.32
N ALA A 17 -18.09 31.82 -18.27
CA ALA A 17 -19.32 31.66 -17.51
C ALA A 17 -19.05 30.68 -16.37
N SER A 18 -20.02 30.54 -15.47
CA SER A 18 -19.80 29.76 -14.26
C SER A 18 -21.05 28.95 -13.97
N ILE A 19 -20.82 27.78 -13.36
CA ILE A 19 -21.89 26.91 -12.89
C ILE A 19 -21.63 26.67 -11.41
N PRO A 20 -22.62 26.95 -10.54
CA PRO A 20 -22.48 26.64 -9.11
C PRO A 20 -22.18 25.15 -8.98
N CYS A 21 -21.05 24.85 -8.34
CA CYS A 21 -20.63 23.47 -8.22
C CYS A 21 -19.60 23.39 -7.09
N PRO A 22 -19.95 22.80 -5.93
CA PRO A 22 -18.99 22.57 -4.86
C PRO A 22 -17.89 21.68 -5.39
N ARG A 23 -16.64 21.96 -4.99
CA ARG A 23 -15.52 21.15 -5.43
C ARG A 23 -15.70 19.71 -4.91
N SER A 24 -16.51 19.52 -3.86
CA SER A 24 -16.74 18.19 -3.29
C SER A 24 -17.77 17.40 -4.10
N GLU A 25 -18.46 18.05 -5.03
CA GLU A 25 -19.25 17.35 -6.02
C GLU A 25 -18.48 17.05 -7.31
N LEU A 26 -17.35 17.75 -7.55
CA LEU A 26 -16.59 17.64 -8.78
C LEU A 26 -15.16 18.21 -8.62
N ARG A 27 -14.16 17.33 -8.78
CA ARG A 27 -12.76 17.71 -8.87
C ARG A 27 -12.24 17.39 -10.27
N LEU A 28 -12.03 18.42 -11.06
CA LEU A 28 -11.60 18.29 -12.43
C LEU A 28 -10.31 17.45 -12.51
N ASP A 29 -9.42 17.64 -11.53
CA ASP A 29 -8.11 17.04 -11.61
C ASP A 29 -8.18 15.56 -11.29
N LEU A 30 -9.33 15.07 -10.82
CA LEU A 30 -9.48 13.67 -10.48
C LEU A 30 -10.33 12.97 -11.51
N VAL A 31 -10.98 13.73 -12.39
CA VAL A 31 -11.95 13.16 -13.32
C VAL A 31 -11.42 13.16 -14.76
N LEU A 32 -10.82 14.27 -15.20
CA LEU A 32 -10.59 14.50 -16.61
C LEU A 32 -9.38 13.75 -17.13
N ALA A 33 -8.49 13.26 -16.24
CA ALA A 33 -7.32 12.54 -16.69
C ALA A 33 -7.17 11.24 -15.93
N SER A 34 -8.29 10.68 -15.46
CA SER A 34 -8.28 9.48 -14.66
C SER A 34 -8.79 8.28 -15.47
N GLY A 35 -8.69 8.37 -16.81
CA GLY A 35 -8.95 7.22 -17.66
C GLY A 35 -10.44 7.03 -17.96
N GLN A 36 -11.22 8.11 -17.93
CA GLN A 36 -12.57 8.07 -18.44
C GLN A 36 -12.55 8.62 -19.86
N SER A 37 -12.21 9.93 -19.96
CA SER A 37 -11.92 10.60 -21.22
C SER A 37 -10.42 10.70 -21.40
N PHE A 38 -9.96 10.66 -22.65
CA PHE A 38 -8.55 10.82 -22.96
C PHE A 38 -8.32 12.13 -23.71
N ARG A 39 -9.27 13.07 -23.64
CA ARG A 39 -9.26 14.24 -24.50
C ARG A 39 -9.09 15.55 -23.73
N TRP A 40 -8.69 15.50 -22.47
CA TRP A 40 -8.51 16.69 -21.65
C TRP A 40 -7.04 16.79 -21.23
N LYS A 41 -6.47 18.00 -21.30
CA LYS A 41 -5.10 18.24 -20.88
C LYS A 41 -5.05 19.55 -20.10
N GLU A 42 -4.28 19.54 -19.01
CA GLU A 42 -4.05 20.75 -18.22
C GLU A 42 -2.99 21.60 -18.92
N GLN A 43 -3.40 22.34 -19.96
CA GLN A 43 -2.49 23.09 -20.83
C GLN A 43 -1.79 24.22 -20.08
N SER A 44 -2.50 24.87 -19.15
CA SER A 44 -1.88 25.69 -18.13
C SER A 44 -2.43 25.26 -16.78
N PRO A 45 -1.76 25.60 -15.65
CA PRO A 45 -2.13 25.08 -14.34
C PRO A 45 -3.59 25.29 -13.98
N ALA A 46 -4.23 24.20 -13.53
CA ALA A 46 -5.61 24.19 -13.08
C ALA A 46 -6.58 24.60 -14.19
N HIS A 47 -6.12 24.65 -15.46
CA HIS A 47 -6.99 24.94 -16.58
C HIS A 47 -6.98 23.78 -17.56
N TRP A 48 -8.14 23.14 -17.73
CA TRP A 48 -8.20 21.94 -18.54
C TRP A 48 -8.88 22.26 -19.85
N SER A 49 -8.24 21.86 -20.95
CA SER A 49 -8.78 22.13 -22.26
C SER A 49 -8.97 20.80 -22.99
N GLY A 50 -10.04 20.71 -23.76
CA GLY A 50 -10.33 19.51 -24.52
C GLY A 50 -11.60 19.69 -25.33
N VAL A 51 -11.94 18.66 -26.09
CA VAL A 51 -13.07 18.78 -27.00
C VAL A 51 -14.28 18.10 -26.39
N LEU A 52 -15.41 18.77 -26.60
CA LEU A 52 -16.72 18.27 -26.26
C LEU A 52 -17.65 18.56 -27.42
N ALA A 53 -18.16 17.48 -28.05
CA ALA A 53 -19.13 17.59 -29.13
C ALA A 53 -18.79 18.73 -30.07
N ASP A 54 -17.68 18.58 -30.80
CA ASP A 54 -17.37 19.47 -31.91
C ASP A 54 -16.95 20.89 -31.46
N GLN A 55 -16.73 21.13 -30.17
CA GLN A 55 -16.19 22.40 -29.72
C GLN A 55 -15.08 22.18 -28.72
N VAL A 56 -14.15 23.13 -28.62
CA VAL A 56 -13.12 23.09 -27.59
C VAL A 56 -13.58 23.90 -26.38
N TRP A 57 -13.30 23.37 -25.18
CA TRP A 57 -13.56 24.08 -23.94
C TRP A 57 -12.27 24.23 -23.15
N THR A 58 -12.24 25.25 -22.28
CA THR A 58 -11.29 25.29 -21.19
C THR A 58 -12.08 25.40 -19.90
N LEU A 59 -11.68 24.61 -18.89
CA LEU A 59 -12.39 24.51 -17.62
C LEU A 59 -11.41 24.73 -16.48
N THR A 60 -11.90 25.41 -15.44
CA THR A 60 -11.17 25.59 -14.21
C THR A 60 -12.22 25.81 -13.13
N GLN A 61 -11.82 25.73 -11.87
CA GLN A 61 -12.82 25.87 -10.82
C GLN A 61 -12.18 26.50 -9.57
N THR A 62 -13.06 27.05 -8.72
CA THR A 62 -12.79 27.43 -7.34
C THR A 62 -13.51 26.43 -6.45
N GLU A 63 -13.50 26.68 -5.13
CA GLU A 63 -14.16 25.81 -4.16
C GLU A 63 -15.64 25.66 -4.48
N ASP A 64 -16.29 26.65 -5.10
CA ASP A 64 -17.73 26.62 -5.17
C ASP A 64 -18.23 26.89 -6.58
N GLN A 65 -17.36 27.22 -7.54
CA GLN A 65 -17.82 27.47 -8.90
C GLN A 65 -17.03 26.65 -9.91
N LEU A 66 -17.71 26.22 -10.98
CA LEU A 66 -17.06 25.62 -12.13
C LEU A 66 -17.06 26.66 -13.24
N TYR A 67 -15.87 27.13 -13.65
CA TYR A 67 -15.74 28.15 -14.67
C TYR A 67 -15.43 27.50 -16.01
N CYS A 68 -16.03 28.02 -17.08
CA CYS A 68 -15.80 27.47 -18.41
C CYS A 68 -15.84 28.56 -19.48
N THR A 69 -15.14 28.26 -20.58
CA THR A 69 -15.12 29.10 -21.77
C THR A 69 -15.08 28.18 -22.98
N VAL A 70 -15.70 28.62 -24.09
CA VAL A 70 -15.83 27.79 -25.28
C VAL A 70 -15.25 28.53 -26.46
N TYR A 71 -14.51 27.80 -27.31
CA TYR A 71 -13.96 28.33 -28.55
C TYR A 71 -14.66 27.60 -29.70
N ARG A 72 -15.28 28.40 -30.60
CA ARG A 72 -16.14 27.89 -31.64
C ARG A 72 -15.43 27.84 -33.00
N GLY A 73 -14.40 28.67 -33.19
CA GLY A 73 -13.43 28.46 -34.25
C GLY A 73 -13.97 28.89 -35.61
N ASP A 74 -14.54 27.93 -36.37
CA ASP A 74 -15.34 28.19 -37.56
C ASP A 74 -15.81 29.65 -37.53
N ASP A 75 -14.91 30.56 -37.90
CA ASP A 75 -14.88 31.92 -37.37
C ASP A 75 -16.29 32.38 -36.98
N SER A 76 -16.52 32.43 -35.66
CA SER A 76 -17.55 33.27 -35.05
C SER A 76 -16.84 34.39 -34.29
N GLN A 77 -17.61 35.37 -33.79
CA GLN A 77 -17.06 36.35 -32.88
C GLN A 77 -16.96 35.70 -31.49
N VAL A 78 -15.88 36.02 -30.76
CA VAL A 78 -15.66 35.46 -29.44
C VAL A 78 -16.81 35.86 -28.51
N SER A 79 -17.28 34.91 -27.68
CA SER A 79 -18.23 35.21 -26.62
C SER A 79 -18.24 34.13 -25.54
N ARG A 80 -18.80 34.48 -24.38
CA ARG A 80 -19.08 33.54 -23.32
C ARG A 80 -19.93 32.37 -23.83
N PRO A 81 -19.96 31.26 -23.08
CA PRO A 81 -20.87 30.16 -23.36
C PRO A 81 -22.33 30.59 -23.33
N THR A 82 -23.14 30.05 -24.25
CA THR A 82 -24.58 30.18 -24.23
C THR A 82 -25.16 29.23 -23.18
N LEU A 83 -26.45 29.45 -22.88
CA LEU A 83 -27.22 28.60 -22.00
C LEU A 83 -27.18 27.16 -22.49
N GLU A 84 -27.39 26.94 -23.79
CA GLU A 84 -27.45 25.59 -24.36
C GLU A 84 -26.12 24.87 -24.14
N GLU A 85 -25.01 25.57 -24.43
CA GLU A 85 -23.67 25.03 -24.23
C GLU A 85 -23.48 24.66 -22.74
N LEU A 86 -23.98 25.48 -21.83
CA LEU A 86 -23.82 25.25 -20.40
C LEU A 86 -24.64 24.04 -19.98
N GLU A 87 -25.76 23.78 -20.66
CA GLU A 87 -26.55 22.59 -20.37
C GLU A 87 -25.84 21.35 -20.90
N THR A 88 -25.16 21.45 -22.05
CA THR A 88 -24.30 20.38 -22.54
C THR A 88 -23.31 19.96 -21.45
N LEU A 89 -22.69 20.96 -20.82
CA LEU A 89 -21.64 20.76 -19.84
C LEU A 89 -22.20 20.17 -18.56
N HIS A 90 -23.39 20.64 -18.17
CA HIS A 90 -24.08 20.16 -16.98
C HIS A 90 -24.39 18.67 -17.14
N LYS A 91 -24.81 18.26 -18.33
CA LYS A 91 -25.12 16.87 -18.62
C LYS A 91 -23.85 16.02 -18.68
N TYR A 92 -22.76 16.56 -19.27
CA TYR A 92 -21.51 15.82 -19.36
C TYR A 92 -21.00 15.43 -17.98
N PHE A 93 -21.21 16.30 -16.97
CA PHE A 93 -20.76 15.98 -15.63
C PHE A 93 -21.92 15.39 -14.78
N GLN A 94 -23.05 15.08 -15.41
CA GLN A 94 -24.20 14.53 -14.71
C GLN A 94 -24.41 15.20 -13.36
N LEU A 95 -24.46 16.54 -13.37
CA LEU A 95 -24.48 17.32 -12.14
C LEU A 95 -25.83 17.28 -11.43
N ASP A 96 -26.90 16.77 -12.08
CA ASP A 96 -28.13 16.43 -11.38
C ASP A 96 -27.87 15.42 -10.27
N VAL A 97 -26.92 14.51 -10.48
CA VAL A 97 -26.69 13.45 -9.51
C VAL A 97 -25.85 14.01 -8.37
N SER A 98 -26.32 13.77 -7.12
CA SER A 98 -25.60 14.17 -5.93
C SER A 98 -24.55 13.16 -5.52
N LEU A 99 -23.29 13.62 -5.49
CA LEU A 99 -22.19 12.73 -5.19
C LEU A 99 -22.07 12.52 -3.67
N ALA A 100 -22.42 13.56 -2.90
CA ALA A 100 -22.34 13.51 -1.43
C ALA A 100 -23.19 12.36 -0.91
N GLN A 101 -24.40 12.24 -1.47
CA GLN A 101 -25.33 11.20 -1.03
C GLN A 101 -24.79 9.82 -1.44
N LEU A 102 -24.25 9.70 -2.67
CA LEU A 102 -23.68 8.43 -3.11
C LEU A 102 -22.49 8.03 -2.25
N TYR A 103 -21.55 8.97 -1.99
CA TYR A 103 -20.40 8.64 -1.17
C TYR A 103 -20.84 8.15 0.19
N SER A 104 -21.85 8.83 0.77
CA SER A 104 -22.24 8.47 2.12
C SER A 104 -22.91 7.09 2.12
N HIS A 105 -23.75 6.79 1.12
CA HIS A 105 -24.33 5.45 0.98
C HIS A 105 -23.29 4.35 0.78
N TRP A 106 -22.35 4.54 -0.13
CA TRP A 106 -21.27 3.57 -0.30
C TRP A 106 -20.49 3.40 1.01
N ALA A 107 -20.14 4.53 1.62
CA ALA A 107 -19.35 4.55 2.86
C ALA A 107 -20.02 3.75 3.97
N SER A 108 -21.36 3.64 3.96
CA SER A 108 -22.07 3.05 5.08
C SER A 108 -21.95 1.53 5.12
N VAL A 109 -21.70 0.91 3.96
CA VAL A 109 -21.49 -0.54 3.89
C VAL A 109 -20.03 -0.88 3.63
N ASP A 110 -19.14 0.12 3.51
CA ASP A 110 -17.80 -0.20 3.05
C ASP A 110 -16.75 0.72 3.68
N SER A 111 -16.04 0.17 4.67
CA SER A 111 -15.13 0.96 5.46
C SER A 111 -13.89 1.31 4.62
N HIS A 112 -13.47 0.41 3.73
CA HIS A 112 -12.34 0.70 2.86
C HIS A 112 -12.66 1.97 2.08
N PHE A 113 -13.86 1.97 1.49
CA PHE A 113 -14.31 3.11 0.71
C PHE A 113 -14.26 4.38 1.54
N GLN A 114 -14.83 4.33 2.76
CA GLN A 114 -14.96 5.50 3.60
C GLN A 114 -13.59 6.17 3.82
N ARG A 115 -12.52 5.37 3.99
CA ARG A 115 -11.20 5.90 4.27
C ARG A 115 -10.60 6.54 3.03
N VAL A 116 -10.72 5.90 1.86
CA VAL A 116 -10.18 6.45 0.63
C VAL A 116 -10.98 7.66 0.14
N ALA A 117 -12.30 7.60 0.30
CA ALA A 117 -13.23 8.67 -0.03
C ALA A 117 -13.03 9.99 0.72
N GLN A 118 -12.36 9.96 1.88
CA GLN A 118 -12.06 11.20 2.59
C GLN A 118 -11.21 12.11 1.70
N LYS A 119 -10.17 11.54 1.10
CA LYS A 119 -9.15 12.30 0.40
C LYS A 119 -9.57 12.54 -1.05
N PHE A 120 -10.49 11.72 -1.59
CA PHE A 120 -10.75 11.74 -3.03
C PHE A 120 -12.24 12.03 -3.24
N GLN A 121 -12.64 13.24 -2.86
CA GLN A 121 -13.98 13.71 -3.13
C GLN A 121 -14.08 14.23 -4.56
N GLY A 122 -15.30 14.24 -5.09
CA GLY A 122 -15.58 14.93 -6.33
C GLY A 122 -15.14 14.11 -7.53
N VAL A 123 -15.00 12.78 -7.35
CA VAL A 123 -14.85 11.87 -8.46
C VAL A 123 -16.21 11.43 -8.97
N ARG A 124 -16.58 11.87 -10.18
CA ARG A 124 -17.85 11.45 -10.75
C ARG A 124 -17.65 10.94 -12.17
N LEU A 125 -18.72 10.40 -12.76
CA LEU A 125 -18.65 9.83 -14.10
C LEU A 125 -19.08 10.86 -15.12
N LEU A 126 -18.23 10.99 -16.14
CA LEU A 126 -18.60 11.73 -17.31
C LEU A 126 -19.63 10.92 -18.09
N ARG A 127 -20.47 11.66 -18.81
CA ARG A 127 -21.42 11.10 -19.73
C ARG A 127 -20.91 11.40 -21.13
N GLN A 128 -20.29 10.40 -21.73
CA GLN A 128 -19.56 10.58 -22.96
C GLN A 128 -20.40 10.15 -24.15
N ASP A 129 -19.97 10.61 -25.31
CA ASP A 129 -20.50 10.15 -26.57
C ASP A 129 -20.14 8.68 -26.75
N PRO A 130 -21.13 7.82 -27.08
CA PRO A 130 -20.88 6.38 -27.31
C PRO A 130 -19.78 6.06 -28.30
N THR A 131 -19.72 6.80 -29.41
CA THR A 131 -18.76 6.48 -30.47
C THR A 131 -17.35 6.70 -29.93
N GLU A 132 -17.12 7.89 -29.39
CA GLU A 132 -15.79 8.25 -28.93
C GLU A 132 -15.35 7.24 -27.88
N CYS A 133 -16.27 6.92 -26.96
CA CYS A 133 -15.99 6.00 -25.87
C CYS A 133 -15.66 4.59 -26.37
N LEU A 134 -16.43 4.09 -27.32
CA LEU A 134 -16.17 2.75 -27.85
C LEU A 134 -14.76 2.67 -28.41
N PHE A 135 -14.39 3.60 -29.30
CA PHE A 135 -13.12 3.45 -30.00
C PHE A 135 -11.97 3.84 -29.07
N SER A 136 -12.23 4.71 -28.11
CA SER A 136 -11.20 5.02 -27.13
C SER A 136 -10.87 3.77 -26.33
N PHE A 137 -11.89 2.99 -25.93
CA PHE A 137 -11.65 1.87 -25.02
C PHE A 137 -11.19 0.64 -25.79
N ILE A 138 -11.50 0.55 -27.10
CA ILE A 138 -10.84 -0.41 -27.97
C ILE A 138 -9.32 -0.19 -27.94
N CYS A 139 -8.85 1.06 -27.83
CA CYS A 139 -7.43 1.37 -27.78
C CYS A 139 -6.85 1.12 -26.38
N SER A 140 -7.67 0.76 -25.39
CA SER A 140 -7.23 0.64 -24.00
C SER A 140 -6.59 -0.71 -23.67
N SER A 141 -6.87 -1.77 -24.45
CA SER A 141 -6.31 -3.10 -24.19
C SER A 141 -4.78 -3.05 -24.13
N ASN A 142 -4.18 -3.68 -23.11
CA ASN A 142 -2.74 -3.73 -22.93
C ASN A 142 -2.09 -2.36 -23.08
N ASN A 143 -2.51 -1.41 -22.25
CA ASN A 143 -2.16 -0.01 -22.49
C ASN A 143 -2.24 0.78 -21.19
N ASN A 144 -1.66 1.99 -21.19
CA ASN A 144 -1.76 2.90 -20.07
C ASN A 144 -2.34 4.23 -20.55
N ILE A 145 -2.76 5.05 -19.59
CA ILE A 145 -3.50 6.27 -19.93
C ILE A 145 -2.64 7.12 -20.87
N ALA A 146 -1.36 7.34 -20.54
CA ALA A 146 -0.52 8.21 -21.35
C ALA A 146 -0.54 7.79 -22.81
N ARG A 147 -0.36 6.48 -23.07
CA ARG A 147 -0.24 5.96 -24.42
C ARG A 147 -1.59 5.93 -25.12
N ILE A 148 -2.68 5.63 -24.38
CA ILE A 148 -4.03 5.67 -24.97
C ILE A 148 -4.33 7.09 -25.43
N THR A 149 -4.05 8.06 -24.56
CA THR A 149 -4.23 9.47 -24.84
C THR A 149 -3.50 9.81 -26.15
N GLY A 150 -2.28 9.27 -26.30
CA GLY A 150 -1.48 9.52 -27.50
C GLY A 150 -2.15 8.97 -28.76
N MET A 151 -2.61 7.72 -28.68
CA MET A 151 -3.25 7.09 -29.83
C MET A 151 -4.51 7.84 -30.22
N VAL A 152 -5.32 8.22 -29.22
CA VAL A 152 -6.62 8.81 -29.51
C VAL A 152 -6.42 10.15 -30.18
N GLU A 153 -5.44 10.91 -29.69
CA GLU A 153 -5.07 12.19 -30.27
C GLU A 153 -4.72 12.04 -31.75
N ARG A 154 -3.80 11.11 -32.06
CA ARG A 154 -3.36 10.90 -33.44
C ARG A 154 -4.51 10.41 -34.31
N LEU A 155 -5.34 9.50 -33.75
CA LEU A 155 -6.54 9.05 -34.45
C LEU A 155 -7.42 10.25 -34.83
N CYS A 156 -7.66 11.17 -33.90
CA CYS A 156 -8.58 12.28 -34.13
C CYS A 156 -7.98 13.24 -35.17
N GLN A 157 -6.66 13.48 -35.09
CA GLN A 157 -6.00 14.35 -36.05
C GLN A 157 -6.13 13.79 -37.48
N ALA A 158 -5.93 12.47 -37.63
CA ALA A 158 -5.84 11.86 -38.94
C ALA A 158 -7.23 11.63 -39.55
N PHE A 159 -8.28 11.43 -38.74
CA PHE A 159 -9.55 11.02 -39.31
C PHE A 159 -10.69 11.96 -38.95
N GLY A 160 -10.47 12.87 -38.01
CA GLY A 160 -11.57 13.72 -37.55
C GLY A 160 -11.46 15.16 -38.05
N PRO A 161 -12.58 15.89 -38.14
CA PRO A 161 -12.54 17.29 -38.59
C PRO A 161 -11.74 18.18 -37.65
N ARG A 162 -10.90 19.04 -38.22
CA ARG A 162 -10.19 20.06 -37.47
C ARG A 162 -11.21 21.06 -36.94
N LEU A 163 -11.07 21.44 -35.66
CA LEU A 163 -12.00 22.38 -35.03
C LEU A 163 -11.35 23.76 -34.87
N ILE A 164 -10.17 23.81 -34.26
CA ILE A 164 -9.45 25.06 -34.03
C ILE A 164 -8.04 24.70 -33.62
N GLN A 165 -7.14 25.69 -33.68
CA GLN A 165 -5.82 25.58 -33.08
C GLN A 165 -5.68 26.65 -32.02
N LEU A 166 -5.18 26.28 -30.85
CA LEU A 166 -4.83 27.22 -29.79
C LEU A 166 -3.37 26.96 -29.44
N ASP A 167 -2.53 28.01 -29.48
CA ASP A 167 -1.09 27.85 -29.29
C ASP A 167 -0.56 26.85 -30.31
N ASP A 168 0.18 25.81 -29.86
CA ASP A 168 0.65 24.76 -30.76
C ASP A 168 -0.26 23.53 -30.75
N VAL A 169 -1.50 23.67 -30.25
CA VAL A 169 -2.38 22.52 -30.15
C VAL A 169 -3.53 22.62 -31.16
N THR A 170 -3.60 21.63 -32.06
CA THR A 170 -4.69 21.57 -33.03
C THR A 170 -5.73 20.58 -32.50
N TYR A 171 -6.98 21.03 -32.35
CA TYR A 171 -8.03 20.21 -31.78
C TYR A 171 -8.87 19.62 -32.88
N HIS A 172 -9.06 18.28 -32.87
CA HIS A 172 -9.94 17.62 -33.82
C HIS A 172 -11.15 17.00 -33.13
N GLY A 173 -12.29 17.02 -33.80
CA GLY A 173 -13.48 16.30 -33.38
C GLY A 173 -13.26 14.80 -33.51
N PHE A 174 -14.11 14.01 -32.87
CA PHE A 174 -13.92 12.56 -32.95
C PHE A 174 -14.45 12.13 -34.32
N PRO A 175 -13.75 11.28 -35.07
CA PRO A 175 -14.25 10.86 -36.38
C PRO A 175 -15.59 10.15 -36.28
N ASN A 176 -16.30 10.05 -37.41
CA ASN A 176 -17.51 9.24 -37.47
C ASN A 176 -17.13 7.82 -37.88
N LEU A 177 -18.05 6.89 -37.69
CA LEU A 177 -17.88 5.49 -38.04
C LEU A 177 -17.41 5.35 -39.47
N HIS A 178 -18.03 6.13 -40.37
CA HIS A 178 -17.76 5.93 -41.78
C HIS A 178 -16.30 6.24 -42.09
N ALA A 179 -15.72 7.23 -41.38
CA ALA A 179 -14.31 7.57 -41.58
C ALA A 179 -13.38 6.45 -41.14
N LEU A 180 -13.78 5.70 -40.09
CA LEU A 180 -12.90 4.67 -39.55
C LEU A 180 -13.06 3.35 -40.29
N ALA A 181 -14.10 3.22 -41.12
CA ALA A 181 -14.48 1.96 -41.73
C ALA A 181 -13.81 1.73 -43.09
N GLY A 182 -12.96 2.66 -43.54
CA GLY A 182 -12.55 2.69 -44.95
C GLY A 182 -11.43 1.69 -45.24
N PRO A 183 -11.15 1.36 -46.52
CA PRO A 183 -10.15 0.35 -46.83
C PRO A 183 -8.71 0.55 -46.37
N GLU A 184 -8.28 1.77 -46.09
CA GLU A 184 -6.91 2.04 -45.67
C GLU A 184 -6.81 2.20 -44.15
N ALA A 185 -7.96 2.24 -43.45
CA ALA A 185 -7.98 2.81 -42.11
C ALA A 185 -7.04 2.04 -41.19
N GLU A 186 -7.03 0.71 -41.32
CA GLU A 186 -6.20 -0.15 -40.50
C GLU A 186 -4.71 0.15 -40.69
N THR A 187 -4.26 0.24 -41.95
CA THR A 187 -2.87 0.53 -42.28
C THR A 187 -2.45 1.89 -41.73
N HIS A 188 -3.31 2.88 -41.90
CA HIS A 188 -3.01 4.24 -41.44
C HIS A 188 -2.95 4.22 -39.91
N LEU A 189 -3.91 3.55 -39.28
CA LEU A 189 -3.92 3.48 -37.83
C LEU A 189 -2.70 2.71 -37.31
N ARG A 190 -2.25 1.66 -38.01
CA ARG A 190 -1.01 1.01 -37.63
C ARG A 190 0.17 1.99 -37.70
N LYS A 191 0.19 2.80 -38.74
CA LYS A 191 1.26 3.77 -38.91
C LYS A 191 1.26 4.71 -37.70
N LEU A 192 0.07 4.93 -37.12
CA LEU A 192 -0.12 5.86 -36.02
C LEU A 192 0.11 5.19 -34.67
N GLY A 193 0.50 3.92 -34.66
CA GLY A 193 1.09 3.32 -33.47
C GLY A 193 0.12 2.42 -32.69
N LEU A 194 -1.00 2.00 -33.29
CA LEU A 194 -2.09 1.37 -32.56
C LEU A 194 -1.88 -0.15 -32.52
N GLY A 195 -1.01 -0.67 -33.39
CA GLY A 195 -0.76 -2.11 -33.40
C GLY A 195 -2.02 -2.88 -33.80
N TYR A 196 -2.26 -4.00 -33.13
CA TYR A 196 -3.38 -4.88 -33.41
C TYR A 196 -4.70 -4.14 -33.19
N ARG A 197 -4.71 -3.12 -32.31
CA ARG A 197 -5.93 -2.39 -32.02
C ARG A 197 -6.54 -1.76 -33.28
N ALA A 198 -5.67 -1.43 -34.25
CA ALA A 198 -6.09 -0.82 -35.50
C ALA A 198 -7.07 -1.72 -36.24
N ARG A 199 -6.86 -3.04 -36.19
CA ARG A 199 -7.79 -3.97 -36.84
C ARG A 199 -9.18 -3.84 -36.22
N TYR A 200 -9.24 -3.79 -34.88
CA TYR A 200 -10.51 -3.75 -34.18
C TYR A 200 -11.23 -2.40 -34.42
N VAL A 201 -10.48 -1.30 -34.52
CA VAL A 201 -11.12 -0.02 -34.80
C VAL A 201 -11.88 -0.13 -36.11
N ARG A 202 -11.15 -0.47 -37.18
CA ARG A 202 -11.75 -0.51 -38.52
C ARG A 202 -12.88 -1.54 -38.55
N ALA A 203 -12.62 -2.75 -38.02
CA ALA A 203 -13.62 -3.79 -38.13
C ALA A 203 -14.87 -3.44 -37.32
N SER A 204 -14.73 -2.79 -36.14
CA SER A 204 -15.89 -2.43 -35.34
C SER A 204 -16.64 -1.29 -36.00
N ALA A 205 -15.92 -0.33 -36.59
CA ALA A 205 -16.61 0.69 -37.35
C ALA A 205 -17.42 0.02 -38.45
N LYS A 206 -16.77 -0.88 -39.23
CA LYS A 206 -17.44 -1.60 -40.30
C LYS A 206 -18.65 -2.39 -39.79
N ALA A 207 -18.48 -3.10 -38.68
CA ALA A 207 -19.56 -3.92 -38.14
C ALA A 207 -20.71 -3.04 -37.67
N ILE A 208 -20.46 -1.89 -37.06
CA ILE A 208 -21.59 -1.12 -36.54
C ILE A 208 -22.44 -0.59 -37.70
N LEU A 209 -21.76 -0.14 -38.76
CA LEU A 209 -22.43 0.33 -39.97
C LEU A 209 -23.25 -0.79 -40.63
N GLU A 210 -22.56 -1.83 -41.09
CA GLU A 210 -23.19 -2.88 -41.87
C GLU A 210 -24.09 -3.78 -41.02
N GLU A 211 -23.68 -4.14 -39.81
CA GLU A 211 -24.42 -5.15 -39.08
C GLU A 211 -25.52 -4.49 -38.26
N GLN A 212 -25.29 -3.27 -37.79
CA GLN A 212 -26.18 -2.67 -36.81
C GLN A 212 -26.84 -1.39 -37.34
N GLY A 213 -26.55 -1.01 -38.59
CA GLY A 213 -27.15 0.16 -39.20
C GLY A 213 -26.69 1.48 -38.58
N GLY A 214 -25.47 1.54 -38.03
CA GLY A 214 -24.78 2.81 -37.78
C GLY A 214 -25.04 3.37 -36.38
N PRO A 215 -24.67 4.65 -36.13
CA PRO A 215 -24.57 5.14 -34.76
C PRO A 215 -25.87 5.33 -33.98
N ALA A 216 -27.01 5.19 -34.66
CA ALA A 216 -28.30 5.19 -33.99
C ALA A 216 -28.46 3.93 -33.16
N TRP A 217 -27.80 2.84 -33.57
CA TRP A 217 -27.74 1.62 -32.76
C TRP A 217 -27.14 1.89 -31.39
N LEU A 218 -26.01 2.59 -31.31
CA LEU A 218 -25.43 2.92 -30.01
C LEU A 218 -26.43 3.73 -29.18
N GLN A 219 -27.16 4.64 -29.84
CA GLN A 219 -28.16 5.44 -29.14
C GLN A 219 -29.29 4.54 -28.62
N GLN A 220 -29.67 3.51 -29.39
CA GLN A 220 -30.68 2.55 -28.93
C GLN A 220 -30.20 1.88 -27.64
N LEU A 221 -28.90 1.52 -27.60
CA LEU A 221 -28.36 0.81 -26.45
C LEU A 221 -28.46 1.69 -25.21
N ARG A 222 -28.47 3.02 -25.37
CA ARG A 222 -28.65 3.91 -24.23
C ARG A 222 -29.98 3.68 -23.51
N VAL A 223 -31.02 3.27 -24.26
CA VAL A 223 -32.33 3.04 -23.64
C VAL A 223 -32.56 1.55 -23.40
N ALA A 224 -31.82 0.68 -24.10
CA ALA A 224 -31.82 -0.74 -23.76
C ALA A 224 -31.35 -0.99 -22.32
N PRO A 225 -31.79 -2.09 -21.65
CA PRO A 225 -31.21 -2.49 -20.37
C PRO A 225 -29.73 -2.89 -20.44
N TYR A 226 -29.06 -2.76 -19.29
CA TYR A 226 -27.65 -2.93 -19.14
C TYR A 226 -27.21 -4.22 -19.81
N GLU A 227 -27.79 -5.33 -19.39
CA GLU A 227 -27.34 -6.65 -19.76
C GLU A 227 -27.49 -6.87 -21.28
N GLU A 228 -28.54 -6.32 -21.88
CA GLU A 228 -28.73 -6.43 -23.32
C GLU A 228 -27.71 -5.58 -24.07
N ALA A 229 -27.43 -4.38 -23.55
CA ALA A 229 -26.45 -3.48 -24.16
C ALA A 229 -25.06 -4.11 -24.16
N HIS A 230 -24.68 -4.69 -22.99
CA HIS A 230 -23.39 -5.33 -22.77
C HIS A 230 -23.21 -6.49 -23.75
N LYS A 231 -24.22 -7.36 -23.83
CA LYS A 231 -24.15 -8.52 -24.72
C LYS A 231 -23.99 -8.03 -26.17
N ALA A 232 -24.79 -7.07 -26.57
CA ALA A 232 -24.74 -6.57 -27.94
C ALA A 232 -23.33 -6.07 -28.32
N LEU A 233 -22.73 -5.27 -27.44
CA LEU A 233 -21.41 -4.71 -27.68
C LEU A 233 -20.36 -5.79 -27.82
N CYS A 234 -20.46 -6.89 -27.02
CA CYS A 234 -19.50 -7.99 -27.08
C CYS A 234 -19.54 -8.76 -28.40
N THR A 235 -20.55 -8.54 -29.25
CA THR A 235 -20.49 -9.11 -30.59
C THR A 235 -19.49 -8.34 -31.46
N LEU A 236 -18.98 -7.19 -31.02
CA LEU A 236 -18.15 -6.38 -31.91
C LEU A 236 -16.69 -6.81 -31.85
N PRO A 237 -15.92 -6.71 -32.94
CA PRO A 237 -14.47 -6.95 -32.92
C PRO A 237 -13.69 -6.13 -31.91
N GLY A 238 -12.97 -6.81 -31.02
CA GLY A 238 -12.08 -6.19 -30.06
C GLY A 238 -12.86 -5.65 -28.84
N VAL A 239 -14.17 -5.94 -28.81
CA VAL A 239 -15.01 -5.54 -27.69
C VAL A 239 -15.39 -6.76 -26.86
N GLY A 240 -14.79 -6.91 -25.68
CA GLY A 240 -15.17 -7.94 -24.70
C GLY A 240 -15.82 -7.32 -23.46
N ALA A 241 -15.91 -8.10 -22.39
CA ALA A 241 -16.67 -7.71 -21.21
C ALA A 241 -16.20 -6.38 -20.64
N LYS A 242 -14.88 -6.17 -20.65
CA LYS A 242 -14.26 -5.01 -20.00
C LYS A 242 -14.62 -3.75 -20.79
N VAL A 243 -14.37 -3.79 -22.10
CA VAL A 243 -14.61 -2.63 -22.94
C VAL A 243 -16.10 -2.30 -22.92
N ALA A 244 -16.93 -3.35 -23.08
CA ALA A 244 -18.36 -3.17 -23.12
C ALA A 244 -18.85 -2.50 -21.84
N ASP A 245 -18.26 -2.88 -20.68
CA ASP A 245 -18.63 -2.29 -19.40
C ASP A 245 -18.17 -0.84 -19.33
N CYS A 246 -16.99 -0.54 -19.87
CA CYS A 246 -16.54 0.84 -19.91
C CYS A 246 -17.58 1.69 -20.62
N ILE A 247 -17.95 1.23 -21.82
CA ILE A 247 -18.93 1.94 -22.63
C ILE A 247 -20.26 2.05 -21.90
N CYS A 248 -20.73 0.92 -21.35
CA CYS A 248 -22.00 0.87 -20.65
C CYS A 248 -22.05 1.92 -19.56
N LEU A 249 -20.98 1.98 -18.76
CA LEU A 249 -20.90 2.85 -17.60
C LEU A 249 -20.75 4.32 -18.00
N MET A 250 -19.96 4.57 -19.04
CA MET A 250 -19.41 5.88 -19.27
C MET A 250 -20.18 6.57 -20.39
N ALA A 251 -20.99 5.83 -21.14
CA ALA A 251 -21.62 6.41 -22.30
C ALA A 251 -23.07 5.96 -22.50
N LEU A 252 -23.51 4.87 -21.85
CA LEU A 252 -24.84 4.37 -22.12
C LEU A 252 -25.70 4.37 -20.85
N ASP A 253 -25.30 5.19 -19.87
CA ASP A 253 -26.08 5.44 -18.67
C ASP A 253 -26.44 4.13 -17.97
N LYS A 254 -25.45 3.25 -17.80
CA LYS A 254 -25.58 2.07 -16.95
C LYS A 254 -24.65 2.20 -15.74
N PRO A 255 -25.10 2.89 -14.68
CA PRO A 255 -24.26 3.15 -13.53
C PRO A 255 -23.81 1.91 -12.74
N GLN A 256 -24.46 0.78 -13.01
CA GLN A 256 -24.15 -0.44 -12.27
C GLN A 256 -23.05 -1.25 -12.96
N ALA A 257 -22.60 -0.83 -14.14
CA ALA A 257 -21.56 -1.54 -14.84
C ALA A 257 -20.22 -1.31 -14.17
N VAL A 258 -19.46 -2.40 -14.00
CA VAL A 258 -18.20 -2.36 -13.30
C VAL A 258 -17.15 -3.03 -14.20
N PRO A 259 -16.33 -2.23 -14.93
CA PRO A 259 -15.31 -2.80 -15.81
C PRO A 259 -14.28 -3.48 -14.92
N VAL A 260 -14.04 -4.76 -15.19
CA VAL A 260 -13.00 -5.50 -14.53
C VAL A 260 -11.87 -5.76 -15.50
N ASP A 261 -10.71 -5.19 -15.17
CA ASP A 261 -9.44 -5.39 -15.85
C ASP A 261 -8.46 -5.85 -14.77
N VAL A 262 -7.17 -5.83 -15.07
CA VAL A 262 -6.15 -6.33 -14.15
C VAL A 262 -6.02 -5.40 -12.93
N HIS A 263 -6.27 -4.11 -13.13
CA HIS A 263 -6.23 -3.12 -12.06
C HIS A 263 -7.42 -3.27 -11.12
N VAL A 264 -8.63 -3.56 -11.60
CA VAL A 264 -9.70 -3.68 -10.61
C VAL A 264 -9.49 -5.01 -9.90
N TRP A 265 -8.96 -6.03 -10.60
CA TRP A 265 -8.60 -7.28 -9.95
C TRP A 265 -7.70 -6.99 -8.76
N GLN A 266 -6.68 -6.17 -9.03
CA GLN A 266 -5.61 -5.85 -8.09
C GLN A 266 -6.20 -5.16 -6.88
N ILE A 267 -7.03 -4.14 -7.09
CA ILE A 267 -7.68 -3.43 -6.01
C ILE A 267 -8.56 -4.39 -5.20
N ALA A 268 -9.40 -5.18 -5.88
CA ALA A 268 -10.30 -6.10 -5.19
C ALA A 268 -9.54 -7.07 -4.29
N HIS A 269 -8.45 -7.62 -4.80
CA HIS A 269 -7.75 -8.64 -4.06
C HIS A 269 -6.95 -7.98 -2.92
N ARG A 270 -6.27 -6.87 -3.21
CA ARG A 270 -5.38 -6.27 -2.24
C ARG A 270 -6.15 -5.54 -1.15
N ASP A 271 -7.13 -4.74 -1.53
CA ASP A 271 -7.79 -3.83 -0.62
C ASP A 271 -9.08 -4.42 -0.06
N TYR A 272 -9.65 -5.47 -0.71
CA TYR A 272 -10.88 -6.09 -0.25
C TYR A 272 -10.69 -7.54 0.15
N GLY A 273 -9.53 -8.10 -0.13
CA GLY A 273 -9.28 -9.49 0.20
C GLY A 273 -10.13 -10.44 -0.64
N TRP A 274 -10.53 -10.03 -1.84
CA TRP A 274 -11.46 -10.86 -2.60
C TRP A 274 -10.69 -11.88 -3.42
N HIS A 275 -11.27 -13.09 -3.51
CA HIS A 275 -10.80 -14.14 -4.39
C HIS A 275 -12.00 -14.82 -5.01
N PRO A 276 -11.88 -15.38 -6.22
CA PRO A 276 -13.04 -16.02 -6.87
C PRO A 276 -13.51 -17.17 -5.98
N LYS A 277 -14.84 -17.31 -5.88
CA LYS A 277 -15.42 -18.34 -5.03
C LYS A 277 -16.11 -19.36 -5.93
N THR A 278 -16.98 -18.84 -6.82
CA THR A 278 -17.87 -19.66 -7.64
C THR A 278 -17.08 -20.22 -8.81
N SER A 279 -15.76 -19.96 -8.84
CA SER A 279 -14.85 -20.59 -9.78
C SER A 279 -13.74 -21.30 -9.00
N GLN A 280 -13.00 -22.14 -9.72
CA GLN A 280 -11.86 -22.86 -9.15
C GLN A 280 -10.58 -22.12 -9.55
N ALA A 281 -10.44 -21.88 -10.86
CA ALA A 281 -9.29 -21.17 -11.41
C ALA A 281 -9.11 -19.85 -10.66
N LYS A 282 -7.88 -19.59 -10.22
CA LYS A 282 -7.60 -18.61 -9.18
C LYS A 282 -7.21 -17.25 -9.76
N GLY A 283 -6.91 -17.18 -11.06
CA GLY A 283 -6.54 -15.93 -11.67
C GLY A 283 -7.71 -15.29 -12.40
N PRO A 284 -7.53 -14.10 -13.03
CA PRO A 284 -8.49 -13.63 -14.02
C PRO A 284 -8.89 -14.70 -15.06
N SER A 285 -10.16 -14.64 -15.43
CA SER A 285 -10.79 -15.44 -16.45
C SER A 285 -12.14 -14.75 -16.73
N PRO A 286 -12.78 -14.96 -17.90
CA PRO A 286 -14.10 -14.38 -18.12
C PRO A 286 -15.10 -14.62 -16.97
N LEU A 287 -15.17 -15.85 -16.44
CA LEU A 287 -16.12 -16.19 -15.40
C LEU A 287 -15.77 -15.50 -14.08
N ALA A 288 -14.49 -15.50 -13.71
CA ALA A 288 -14.06 -14.84 -12.49
C ALA A 288 -14.26 -13.33 -12.58
N ASN A 289 -13.98 -12.76 -13.76
CA ASN A 289 -14.17 -11.33 -13.97
C ASN A 289 -15.64 -10.98 -13.77
N LYS A 290 -16.56 -11.76 -14.34
CA LYS A 290 -17.99 -11.57 -14.17
C LYS A 290 -18.33 -11.59 -12.68
N GLU A 291 -17.83 -12.60 -11.98
CA GLU A 291 -18.07 -12.76 -10.56
C GLU A 291 -17.61 -11.52 -9.76
N LEU A 292 -16.49 -10.90 -10.17
CA LEU A 292 -15.98 -9.74 -9.43
C LEU A 292 -16.90 -8.54 -9.63
N GLY A 293 -17.38 -8.36 -10.86
CA GLY A 293 -18.37 -7.32 -11.13
C GLY A 293 -19.62 -7.51 -10.28
N ASN A 294 -20.14 -8.74 -10.21
CA ASN A 294 -21.31 -9.04 -9.38
C ASN A 294 -21.04 -8.70 -7.92
N PHE A 295 -19.83 -9.05 -7.45
CA PHE A 295 -19.44 -8.74 -6.08
C PHE A 295 -19.64 -7.27 -5.80
N PHE A 296 -19.14 -6.39 -6.69
CA PHE A 296 -19.17 -4.96 -6.39
C PHE A 296 -20.61 -4.41 -6.51
N ARG A 297 -21.42 -4.94 -7.42
CA ARG A 297 -22.81 -4.54 -7.48
C ARG A 297 -23.51 -4.91 -6.17
N ASN A 298 -23.25 -6.12 -5.70
CA ASN A 298 -23.81 -6.62 -4.47
C ASN A 298 -23.44 -5.71 -3.30
N LEU A 299 -22.17 -5.29 -3.26
CA LEU A 299 -21.69 -4.48 -2.15
C LEU A 299 -22.24 -3.06 -2.21
N TRP A 300 -22.17 -2.41 -3.38
CA TRP A 300 -22.34 -0.98 -3.48
C TRP A 300 -23.71 -0.61 -4.02
N GLY A 301 -24.29 -1.48 -4.85
CA GLY A 301 -25.64 -1.22 -5.30
C GLY A 301 -25.65 -0.75 -6.75
N PRO A 302 -26.74 -0.13 -7.19
CA PRO A 302 -26.91 0.18 -8.62
C PRO A 302 -26.10 1.36 -9.17
N TYR A 303 -25.25 1.98 -8.35
CA TYR A 303 -24.26 2.91 -8.86
C TYR A 303 -22.86 2.35 -8.58
N ALA A 304 -22.72 1.02 -8.64
CA ALA A 304 -21.43 0.42 -8.35
C ALA A 304 -20.31 0.98 -9.22
N GLY A 305 -20.57 1.27 -10.50
CA GLY A 305 -19.53 1.69 -11.41
C GLY A 305 -18.97 3.06 -10.99
N TRP A 306 -19.84 3.91 -10.47
CA TRP A 306 -19.41 5.19 -9.97
C TRP A 306 -18.51 5.00 -8.76
N ALA A 307 -18.87 4.07 -7.90
CA ALA A 307 -18.06 3.83 -6.72
C ALA A 307 -16.67 3.35 -7.13
N GLN A 308 -16.64 2.43 -8.09
CA GLN A 308 -15.38 1.90 -8.59
C GLN A 308 -14.53 3.01 -9.17
N ALA A 309 -15.15 3.98 -9.84
CA ALA A 309 -14.40 5.06 -10.44
C ALA A 309 -13.67 5.89 -9.38
N VAL A 310 -14.25 6.03 -8.17
CA VAL A 310 -13.58 6.72 -7.08
C VAL A 310 -12.29 5.98 -6.74
N LEU A 311 -12.41 4.67 -6.55
CA LEU A 311 -11.26 3.86 -6.20
C LEU A 311 -10.22 3.89 -7.30
N PHE A 312 -10.65 3.74 -8.56
CA PHE A 312 -9.71 3.72 -9.67
C PHE A 312 -8.92 5.03 -9.68
N SER A 313 -9.65 6.13 -9.58
CA SER A 313 -9.07 7.47 -9.66
C SER A 313 -8.11 7.69 -8.50
N ALA A 314 -8.41 7.07 -7.35
CA ALA A 314 -7.59 7.23 -6.15
C ALA A 314 -6.34 6.36 -6.23
N ASP A 315 -6.42 5.23 -6.94
CA ASP A 315 -5.29 4.32 -7.04
C ASP A 315 -4.26 4.83 -8.07
N LEU A 316 -4.65 5.76 -8.97
CA LEU A 316 -3.76 6.40 -9.92
C LEU A 316 -2.84 7.43 -9.28
N ARG A 317 -3.21 7.97 -8.11
CA ARG A 317 -2.36 8.86 -7.33
C ARG A 317 -1.75 8.13 -6.12
N GLN A 318 -0.58 7.50 -6.35
CA GLN A 318 0.26 6.89 -5.32
C GLN A 318 -0.55 5.89 -4.46
N HIS B 3 -20.18 30.02 36.25
CA HIS B 3 -20.15 28.71 35.56
C HIS B 3 -18.71 28.24 35.51
N MET B 4 -18.51 26.97 35.83
CA MET B 4 -17.20 26.33 35.85
C MET B 4 -16.72 26.12 34.42
N ARG B 5 -15.40 26.29 34.19
CA ARG B 5 -14.79 26.19 32.87
C ARG B 5 -13.96 24.91 32.75
N HIS B 6 -13.76 24.43 31.51
CA HIS B 6 -12.67 23.48 31.25
C HIS B 6 -11.33 24.19 31.42
N ARG B 7 -10.47 23.60 32.25
CA ARG B 7 -9.14 24.17 32.51
C ARG B 7 -8.15 23.91 31.36
N THR B 8 -7.15 24.77 31.27
CA THR B 8 -5.92 24.49 30.53
C THR B 8 -4.73 24.62 31.48
N LEU B 9 -3.54 24.21 31.01
CA LEU B 9 -2.34 24.14 31.86
C LEU B 9 -1.86 25.56 32.18
N SER B 10 -2.14 26.49 31.25
CA SER B 10 -1.81 27.91 31.39
C SER B 10 -2.69 28.60 32.42
N SER B 11 -3.99 28.26 32.43
CA SER B 11 -5.03 29.04 33.10
C SER B 11 -5.03 28.84 34.61
N SER B 12 -4.60 27.68 35.09
CA SER B 12 -4.87 27.33 36.48
C SER B 12 -3.82 26.33 36.98
N PRO B 13 -2.52 26.63 36.81
CA PRO B 13 -1.46 25.63 37.02
C PRO B 13 -1.41 25.06 38.44
N ALA B 14 -1.87 25.85 39.41
CA ALA B 14 -2.02 25.36 40.77
C ALA B 14 -2.86 24.07 40.81
N LEU B 15 -3.79 23.87 39.86
CA LEU B 15 -4.76 22.78 39.93
C LEU B 15 -4.32 21.54 39.14
N TRP B 16 -3.10 21.54 38.61
CA TRP B 16 -2.58 20.43 37.84
C TRP B 16 -1.49 19.66 38.60
N ALA B 17 -1.55 18.34 38.45
CA ALA B 17 -0.49 17.45 38.89
C ALA B 17 0.20 16.88 37.65
N SER B 18 1.37 16.27 37.84
CA SER B 18 2.09 15.65 36.73
C SER B 18 2.63 14.30 37.14
N ILE B 19 2.71 13.39 36.14
CA ILE B 19 3.28 12.06 36.31
C ILE B 19 4.39 11.90 35.28
N PRO B 20 5.61 11.47 35.70
CA PRO B 20 6.68 11.19 34.75
C PRO B 20 6.19 10.18 33.71
N CYS B 21 6.20 10.57 32.44
CA CYS B 21 5.73 9.69 31.39
C CYS B 21 6.23 10.20 30.05
N PRO B 22 7.22 9.51 29.42
CA PRO B 22 7.71 9.93 28.11
C PRO B 22 6.56 9.81 27.11
N ARG B 23 6.49 10.76 26.19
CA ARG B 23 5.46 10.75 25.16
C ARG B 23 5.58 9.46 24.33
N SER B 24 6.78 8.85 24.31
CA SER B 24 7.03 7.62 23.56
C SER B 24 6.39 6.40 24.24
N GLU B 25 6.01 6.52 25.51
CA GLU B 25 5.26 5.48 26.20
C GLU B 25 3.74 5.72 26.13
N LEU B 26 3.32 6.95 25.80
CA LEU B 26 1.90 7.32 25.80
C LEU B 26 1.68 8.57 24.97
N ARG B 27 0.91 8.44 23.89
CA ARG B 27 0.39 9.55 23.11
C ARG B 27 -1.12 9.64 23.27
N LEU B 28 -1.58 10.66 24.01
CA LEU B 28 -2.99 10.82 24.32
C LEU B 28 -3.79 10.89 23.03
N ASP B 29 -3.24 11.52 22.00
CA ASP B 29 -4.01 11.80 20.80
C ASP B 29 -4.14 10.53 19.96
N LEU B 30 -3.42 9.46 20.31
CA LEU B 30 -3.51 8.21 19.56
C LEU B 30 -4.30 7.17 20.35
N VAL B 31 -4.55 7.45 21.64
CA VAL B 31 -5.22 6.48 22.50
C VAL B 31 -6.65 6.88 22.83
N LEU B 32 -6.92 8.16 23.11
CA LEU B 32 -8.17 8.57 23.73
C LEU B 32 -9.31 8.72 22.73
N ALA B 33 -9.03 8.78 21.43
CA ALA B 33 -10.16 8.81 20.50
C ALA B 33 -9.92 7.84 19.35
N SER B 34 -9.30 6.70 19.67
CA SER B 34 -8.95 5.72 18.66
C SER B 34 -9.83 4.47 18.77
N GLY B 35 -11.03 4.63 19.35
CA GLY B 35 -11.97 3.53 19.43
C GLY B 35 -11.69 2.56 20.57
N GLN B 36 -11.04 3.04 21.65
CA GLN B 36 -11.00 2.23 22.87
C GLN B 36 -12.11 2.72 23.80
N SER B 37 -11.99 3.94 24.27
CA SER B 37 -12.99 4.63 25.05
C SER B 37 -13.60 5.70 24.13
N PHE B 38 -14.87 5.98 24.36
CA PHE B 38 -15.60 6.96 23.56
C PHE B 38 -16.05 8.13 24.45
N ARG B 39 -15.35 8.32 25.59
CA ARG B 39 -15.75 9.32 26.58
C ARG B 39 -14.77 10.49 26.68
N TRP B 40 -13.83 10.62 25.73
CA TRP B 40 -12.80 11.65 25.81
C TRP B 40 -12.94 12.61 24.63
N LYS B 41 -12.84 13.92 24.89
CA LYS B 41 -12.89 14.91 23.82
C LYS B 41 -11.83 15.98 24.06
N GLU B 42 -11.16 16.38 22.98
CA GLU B 42 -10.20 17.46 23.00
C GLU B 42 -10.95 18.80 23.01
N GLN B 43 -11.44 19.22 24.17
CA GLN B 43 -12.28 20.41 24.32
C GLN B 43 -11.53 21.69 23.99
N SER B 44 -10.23 21.75 24.34
CA SER B 44 -9.32 22.74 23.80
C SER B 44 -8.05 22.04 23.32
N PRO B 45 -7.19 22.68 22.50
CA PRO B 45 -6.03 22.01 21.90
C PRO B 45 -5.14 21.30 22.91
N ALA B 46 -4.83 20.04 22.61
CA ALA B 46 -3.93 19.22 23.41
C ALA B 46 -4.49 18.96 24.81
N HIS B 47 -5.76 19.31 25.08
CA HIS B 47 -6.35 19.08 26.38
C HIS B 47 -7.58 18.17 26.26
N TRP B 48 -7.52 17.00 26.90
CA TRP B 48 -8.55 15.99 26.72
C TRP B 48 -9.34 15.87 28.00
N SER B 49 -10.67 15.90 27.86
CA SER B 49 -11.55 15.90 29.01
C SER B 49 -12.52 14.74 28.90
N GLY B 50 -12.78 14.06 30.02
CA GLY B 50 -13.75 12.99 30.02
C GLY B 50 -13.96 12.43 31.42
N VAL B 51 -14.83 11.43 31.53
CA VAL B 51 -15.27 10.90 32.82
C VAL B 51 -14.51 9.63 33.10
N LEU B 52 -14.08 9.49 34.36
CA LEU B 52 -13.57 8.24 34.90
C LEU B 52 -14.24 7.97 36.24
N ALA B 53 -15.02 6.88 36.29
CA ALA B 53 -15.70 6.43 37.50
C ALA B 53 -16.19 7.61 38.32
N ASP B 54 -17.16 8.34 37.80
CA ASP B 54 -17.92 9.30 38.58
C ASP B 54 -17.10 10.56 38.91
N GLN B 55 -15.98 10.83 38.20
CA GLN B 55 -15.36 12.15 38.22
C GLN B 55 -14.94 12.55 36.81
N VAL B 56 -14.86 13.86 36.53
CA VAL B 56 -14.33 14.38 35.27
C VAL B 56 -12.86 14.76 35.40
N TRP B 57 -12.08 14.52 34.34
CA TRP B 57 -10.67 14.86 34.26
C TRP B 57 -10.38 15.67 33.00
N THR B 58 -9.33 16.50 33.05
CA THR B 58 -8.70 17.02 31.84
C THR B 58 -7.23 16.60 31.84
N LEU B 59 -6.73 16.15 30.69
CA LEU B 59 -5.38 15.63 30.51
C LEU B 59 -4.66 16.32 29.36
N THR B 60 -3.37 16.54 29.55
CA THR B 60 -2.50 17.05 28.50
C THR B 60 -1.10 16.53 28.81
N GLN B 61 -0.18 16.67 27.87
CA GLN B 61 1.17 16.21 28.15
C GLN B 61 2.21 17.04 27.41
N THR B 62 3.45 16.97 27.92
CA THR B 62 4.67 17.41 27.25
C THR B 62 5.45 16.16 26.85
N GLU B 63 6.69 16.34 26.35
CA GLU B 63 7.52 15.22 25.93
C GLU B 63 7.82 14.29 27.09
N ASP B 64 7.77 14.79 28.32
CA ASP B 64 8.32 14.07 29.45
C ASP B 64 7.29 13.85 30.56
N GLN B 65 6.21 14.64 30.56
CA GLN B 65 5.26 14.63 31.65
C GLN B 65 3.82 14.41 31.17
N LEU B 66 3.03 13.68 31.98
CA LEU B 66 1.60 13.59 31.79
C LEU B 66 0.92 14.47 32.81
N TYR B 67 0.23 15.53 32.34
CA TYR B 67 -0.38 16.50 33.24
C TYR B 67 -1.88 16.22 33.35
N CYS B 68 -2.44 16.35 34.56
CA CYS B 68 -3.85 16.12 34.75
C CYS B 68 -4.46 17.04 35.81
N THR B 69 -5.78 17.23 35.73
CA THR B 69 -6.58 17.94 36.71
C THR B 69 -7.93 17.26 36.84
N VAL B 70 -8.49 17.23 38.05
CA VAL B 70 -9.73 16.51 38.34
C VAL B 70 -10.77 17.50 38.90
N TYR B 71 -12.04 17.33 38.49
CA TYR B 71 -13.15 18.15 38.95
C TYR B 71 -14.15 17.17 39.58
N ARG B 72 -14.55 17.37 40.85
CA ARG B 72 -15.00 16.25 41.67
C ARG B 72 -16.52 16.16 41.90
N GLY B 73 -17.23 17.29 41.97
CA GLY B 73 -18.67 17.24 42.19
C GLY B 73 -19.24 18.61 42.54
N ASP B 74 -20.31 18.61 43.35
CA ASP B 74 -20.95 19.84 43.84
C ASP B 74 -20.18 20.39 45.06
N ASP B 75 -19.07 19.73 45.41
CA ASP B 75 -18.29 20.03 46.61
C ASP B 75 -17.11 20.90 46.21
N SER B 76 -17.12 22.15 46.70
CA SER B 76 -16.20 23.20 46.28
C SER B 76 -14.82 23.02 46.92
N GLN B 77 -14.47 21.76 47.26
CA GLN B 77 -13.10 21.41 47.58
C GLN B 77 -12.28 21.40 46.29
N VAL B 78 -12.27 22.54 45.57
CA VAL B 78 -11.37 22.74 44.44
C VAL B 78 -9.94 22.50 44.97
N SER B 79 -9.22 21.57 44.31
CA SER B 79 -7.83 21.26 44.63
C SER B 79 -7.19 20.45 43.51
N ARG B 80 -5.85 20.44 43.49
CA ARG B 80 -5.07 19.56 42.64
C ARG B 80 -5.50 18.09 42.84
N PRO B 81 -5.19 17.21 41.85
CA PRO B 81 -5.49 15.78 41.98
C PRO B 81 -4.81 15.19 43.19
N THR B 82 -5.51 14.29 43.90
CA THR B 82 -4.92 13.62 45.05
C THR B 82 -4.02 12.50 44.54
N LEU B 83 -3.17 11.97 45.44
CA LEU B 83 -2.37 10.79 45.17
C LEU B 83 -3.26 9.64 44.69
N GLU B 84 -4.40 9.39 45.38
CA GLU B 84 -5.27 8.27 45.06
C GLU B 84 -5.80 8.41 43.62
N GLU B 85 -6.24 9.61 43.28
CA GLU B 85 -6.74 9.91 41.95
C GLU B 85 -5.62 9.71 40.91
N LEU B 86 -4.38 10.12 41.23
CA LEU B 86 -3.26 9.98 40.31
C LEU B 86 -2.94 8.49 40.10
N GLU B 87 -3.20 7.66 41.12
CA GLU B 87 -3.00 6.24 40.98
C GLU B 87 -4.10 5.62 40.12
N THR B 88 -5.33 6.13 40.21
CA THR B 88 -6.41 5.73 39.32
C THR B 88 -5.98 5.91 37.87
N LEU B 89 -5.36 7.08 37.59
CA LEU B 89 -4.96 7.48 36.26
C LEU B 89 -3.82 6.61 35.77
N HIS B 90 -2.88 6.30 36.67
CA HIS B 90 -1.71 5.48 36.36
C HIS B 90 -2.16 4.09 35.94
N LYS B 91 -3.17 3.54 36.64
CA LYS B 91 -3.67 2.21 36.36
C LYS B 91 -4.47 2.22 35.05
N TYR B 92 -5.26 3.27 34.81
CA TYR B 92 -6.05 3.35 33.61
C TYR B 92 -5.16 3.29 32.35
N PHE B 93 -3.96 3.90 32.41
CA PHE B 93 -3.03 3.87 31.31
C PHE B 93 -2.04 2.69 31.40
N GLN B 94 -2.27 1.79 32.37
CA GLN B 94 -1.41 0.64 32.59
C GLN B 94 0.07 1.03 32.43
N LEU B 95 0.49 2.09 33.13
CA LEU B 95 1.83 2.64 32.94
C LEU B 95 2.93 1.76 33.56
N ASP B 96 2.58 0.76 34.37
CA ASP B 96 3.50 -0.30 34.75
C ASP B 96 4.04 -1.03 33.52
N VAL B 97 3.22 -1.17 32.47
CA VAL B 97 3.62 -1.95 31.30
C VAL B 97 4.51 -1.09 30.43
N SER B 98 5.67 -1.67 30.06
CA SER B 98 6.66 -0.97 29.26
C SER B 98 6.40 -1.19 27.78
N LEU B 99 6.17 -0.08 27.07
CA LEU B 99 5.87 -0.14 25.65
C LEU B 99 7.16 -0.34 24.84
N ALA B 100 8.30 0.20 25.34
CA ALA B 100 9.58 0.08 24.66
C ALA B 100 9.95 -1.38 24.46
N GLN B 101 9.75 -2.19 25.52
CA GLN B 101 10.01 -3.60 25.48
C GLN B 101 9.08 -4.32 24.49
N LEU B 102 7.78 -3.98 24.55
CA LEU B 102 6.79 -4.61 23.68
C LEU B 102 7.07 -4.28 22.20
N TYR B 103 7.30 -3.00 21.89
CA TYR B 103 7.55 -2.61 20.51
C TYR B 103 8.82 -3.31 20.02
N SER B 104 9.80 -3.46 20.90
CA SER B 104 11.07 -4.07 20.54
C SER B 104 10.86 -5.54 20.19
N HIS B 105 10.11 -6.27 21.04
CA HIS B 105 9.73 -7.64 20.79
C HIS B 105 8.95 -7.79 19.47
N TRP B 106 7.88 -7.03 19.30
CA TRP B 106 7.08 -7.17 18.10
C TRP B 106 7.95 -6.86 16.88
N ALA B 107 8.81 -5.83 16.93
CA ALA B 107 9.66 -5.50 15.80
C ALA B 107 10.58 -6.66 15.40
N SER B 108 11.02 -7.45 16.37
CA SER B 108 12.03 -8.46 16.14
C SER B 108 11.42 -9.70 15.48
N VAL B 109 10.10 -9.92 15.64
CA VAL B 109 9.44 -11.08 15.07
C VAL B 109 8.60 -10.68 13.85
N ASP B 110 8.52 -9.39 13.49
CA ASP B 110 7.57 -8.99 12.47
C ASP B 110 8.08 -7.76 11.75
N SER B 111 8.52 -7.94 10.49
CA SER B 111 9.16 -6.89 9.71
C SER B 111 8.13 -5.82 9.35
N HIS B 112 6.89 -6.25 9.05
CA HIS B 112 5.85 -5.29 8.70
C HIS B 112 5.67 -4.34 9.89
N PHE B 113 5.59 -4.91 11.09
CA PHE B 113 5.46 -4.14 12.29
C PHE B 113 6.60 -3.13 12.40
N GLN B 114 7.84 -3.62 12.25
CA GLN B 114 9.02 -2.82 12.43
C GLN B 114 8.98 -1.56 11.56
N ARG B 115 8.49 -1.67 10.31
CA ARG B 115 8.42 -0.55 9.40
C ARG B 115 7.34 0.44 9.84
N VAL B 116 6.15 -0.08 10.13
CA VAL B 116 4.97 0.75 10.34
C VAL B 116 4.96 1.37 11.73
N ALA B 117 5.46 0.65 12.75
CA ALA B 117 5.50 1.11 14.13
C ALA B 117 6.43 2.28 14.43
N GLN B 118 7.28 2.70 13.48
CA GLN B 118 8.26 3.73 13.77
C GLN B 118 7.57 5.04 14.16
N LYS B 119 6.55 5.42 13.36
CA LYS B 119 5.91 6.71 13.51
C LYS B 119 4.76 6.65 14.50
N PHE B 120 4.35 5.44 14.95
CA PHE B 120 3.17 5.30 15.79
C PHE B 120 3.57 4.78 17.17
N GLN B 121 4.37 5.58 17.89
CA GLN B 121 4.75 5.25 19.25
C GLN B 121 3.67 5.69 20.22
N GLY B 122 3.66 5.06 21.39
CA GLY B 122 2.91 5.57 22.52
C GLY B 122 1.46 5.15 22.41
N VAL B 123 1.24 4.09 21.60
CA VAL B 123 -0.06 3.48 21.48
C VAL B 123 -0.15 2.36 22.50
N ARG B 124 -1.04 2.52 23.49
CA ARG B 124 -1.18 1.51 24.52
C ARG B 124 -2.65 1.22 24.73
N LEU B 125 -2.96 0.21 25.56
CA LEU B 125 -4.34 -0.12 25.86
C LEU B 125 -4.72 0.48 27.20
N LEU B 126 -5.89 1.13 27.19
CA LEU B 126 -6.51 1.56 28.42
C LEU B 126 -7.05 0.33 29.13
N ARG B 127 -7.12 0.46 30.46
CA ARG B 127 -7.81 -0.52 31.29
C ARG B 127 -9.11 0.11 31.77
N GLN B 128 -10.19 -0.27 31.12
CA GLN B 128 -11.48 0.36 31.35
C GLN B 128 -12.33 -0.47 32.31
N ASP B 129 -13.37 0.16 32.81
CA ASP B 129 -14.36 -0.48 33.63
C ASP B 129 -15.11 -1.50 32.79
N PRO B 130 -15.29 -2.73 33.26
CA PRO B 130 -16.06 -3.76 32.53
C PRO B 130 -17.45 -3.35 32.06
N THR B 131 -18.20 -2.65 32.91
CA THR B 131 -19.58 -2.30 32.57
C THR B 131 -19.55 -1.31 31.41
N GLU B 132 -18.78 -0.24 31.58
CA GLU B 132 -18.72 0.79 30.56
C GLU B 132 -18.33 0.14 29.23
N CYS B 133 -17.33 -0.74 29.28
CA CYS B 133 -16.76 -1.36 28.10
C CYS B 133 -17.78 -2.25 27.41
N LEU B 134 -18.48 -3.08 28.20
CA LEU B 134 -19.49 -3.97 27.65
C LEU B 134 -20.50 -3.17 26.83
N PHE B 135 -21.12 -2.17 27.47
CA PHE B 135 -22.26 -1.50 26.87
C PHE B 135 -21.76 -0.57 25.78
N SER B 136 -20.57 -0.03 25.92
CA SER B 136 -20.05 0.80 24.83
C SER B 136 -19.87 -0.04 23.58
N PHE B 137 -19.34 -1.27 23.72
CA PHE B 137 -19.00 -2.06 22.54
C PHE B 137 -20.23 -2.75 21.97
N ILE B 138 -21.26 -3.00 22.81
CA ILE B 138 -22.57 -3.37 22.32
C ILE B 138 -23.09 -2.30 21.33
N CYS B 139 -22.77 -1.02 21.56
CA CYS B 139 -23.22 0.06 20.68
C CYS B 139 -22.33 0.18 19.44
N SER B 140 -21.26 -0.60 19.35
CA SER B 140 -20.26 -0.44 18.30
C SER B 140 -20.62 -1.18 17.01
N SER B 141 -21.50 -2.18 17.08
CA SER B 141 -21.98 -2.95 15.93
C SER B 141 -22.41 -2.05 14.76
N ASN B 142 -21.88 -2.28 13.55
CA ASN B 142 -22.27 -1.55 12.35
C ASN B 142 -22.20 -0.05 12.58
N ASN B 143 -21.03 0.46 12.96
CA ASN B 143 -20.96 1.82 13.47
C ASN B 143 -19.56 2.41 13.22
N ASN B 144 -19.40 3.72 13.42
CA ASN B 144 -18.07 4.32 13.46
C ASN B 144 -17.90 5.15 14.75
N ILE B 145 -16.66 5.56 15.01
CA ILE B 145 -16.31 6.13 16.29
C ILE B 145 -17.21 7.33 16.59
N ALA B 146 -17.31 8.28 15.64
CA ALA B 146 -18.10 9.48 15.86
C ALA B 146 -19.52 9.16 16.33
N ARG B 147 -20.18 8.20 15.68
CA ARG B 147 -21.57 7.88 15.98
C ARG B 147 -21.70 7.09 17.28
N ILE B 148 -20.73 6.20 17.57
CA ILE B 148 -20.72 5.47 18.84
C ILE B 148 -20.58 6.47 19.97
N THR B 149 -19.63 7.41 19.82
CA THR B 149 -19.41 8.46 20.80
C THR B 149 -20.72 9.18 21.10
N GLY B 150 -21.49 9.46 20.04
CA GLY B 150 -22.79 10.11 20.18
C GLY B 150 -23.77 9.29 21.02
N MET B 151 -23.89 8.00 20.66
CA MET B 151 -24.81 7.11 21.35
C MET B 151 -24.43 6.97 22.83
N VAL B 152 -23.13 6.82 23.12
CA VAL B 152 -22.70 6.57 24.47
C VAL B 152 -22.98 7.78 25.35
N GLU B 153 -22.73 8.96 24.78
CA GLU B 153 -23.06 10.22 25.43
C GLU B 153 -24.55 10.27 25.82
N ARG B 154 -25.45 10.00 24.85
CA ARG B 154 -26.87 10.10 25.13
C ARG B 154 -27.31 9.03 26.12
N LEU B 155 -26.75 7.83 25.99
CA LEU B 155 -26.99 6.79 26.99
C LEU B 155 -26.65 7.29 28.41
N CYS B 156 -25.49 7.95 28.56
CA CYS B 156 -25.01 8.36 29.88
C CYS B 156 -25.89 9.48 30.44
N GLN B 157 -26.27 10.42 29.55
CA GLN B 157 -27.12 11.56 29.92
C GLN B 157 -28.45 11.03 30.47
N ALA B 158 -29.03 10.02 29.80
CA ALA B 158 -30.38 9.60 30.11
C ALA B 158 -30.43 8.67 31.32
N PHE B 159 -29.39 7.87 31.57
CA PHE B 159 -29.49 6.81 32.59
C PHE B 159 -28.42 6.92 33.68
N GLY B 160 -27.44 7.82 33.47
CA GLY B 160 -26.33 7.92 34.41
C GLY B 160 -26.42 9.16 35.30
N PRO B 161 -25.83 9.12 36.51
CA PRO B 161 -25.83 10.28 37.42
C PRO B 161 -25.14 11.49 36.80
N ARG B 162 -25.81 12.65 36.85
CA ARG B 162 -25.17 13.90 36.45
C ARG B 162 -24.05 14.21 37.44
N LEU B 163 -22.88 14.59 36.93
CA LEU B 163 -21.70 14.80 37.77
C LEU B 163 -21.43 16.31 37.93
N ILE B 164 -21.29 17.03 36.81
CA ILE B 164 -20.81 18.39 36.80
C ILE B 164 -21.02 18.92 35.41
N GLN B 165 -21.06 20.25 35.31
CA GLN B 165 -21.10 20.91 34.03
C GLN B 165 -19.88 21.83 33.91
N LEU B 166 -19.16 21.73 32.79
CA LEU B 166 -18.06 22.60 32.47
C LEU B 166 -18.40 23.21 31.13
N ASP B 167 -18.40 24.57 31.08
CA ASP B 167 -18.82 25.29 29.87
C ASP B 167 -20.24 24.86 29.49
N ASP B 168 -20.46 24.43 28.24
CA ASP B 168 -21.75 23.94 27.77
C ASP B 168 -21.88 22.42 27.91
N VAL B 169 -20.95 21.75 28.61
CA VAL B 169 -20.95 20.31 28.63
C VAL B 169 -21.35 19.79 30.01
N THR B 170 -22.43 19.00 30.06
CA THR B 170 -22.83 18.31 31.27
C THR B 170 -22.29 16.87 31.19
N TYR B 171 -21.51 16.49 32.20
CA TYR B 171 -20.88 15.18 32.24
C TYR B 171 -21.71 14.27 33.14
N HIS B 172 -21.97 13.06 32.63
CA HIS B 172 -22.67 12.03 33.38
C HIS B 172 -21.75 10.83 33.62
N GLY B 173 -21.91 10.17 34.77
CA GLY B 173 -21.24 8.91 35.02
C GLY B 173 -21.84 7.81 34.14
N PHE B 174 -21.15 6.67 34.05
CA PHE B 174 -21.66 5.60 33.24
C PHE B 174 -22.78 4.92 34.05
N PRO B 175 -23.96 4.64 33.46
CA PRO B 175 -25.05 4.02 34.22
C PRO B 175 -24.69 2.65 34.78
N ASN B 176 -25.38 2.25 35.84
CA ASN B 176 -25.21 0.92 36.39
C ASN B 176 -26.21 -0.01 35.70
N LEU B 177 -26.00 -1.31 35.89
CA LEU B 177 -26.79 -2.36 35.27
C LEU B 177 -28.27 -2.14 35.57
N HIS B 178 -28.56 -1.77 36.82
CA HIS B 178 -29.92 -1.64 37.31
C HIS B 178 -30.69 -0.66 36.44
N ALA B 179 -30.04 0.46 36.12
CA ALA B 179 -30.67 1.51 35.33
C ALA B 179 -30.97 1.04 33.90
N LEU B 180 -30.11 0.18 33.34
CA LEU B 180 -30.23 -0.21 31.95
C LEU B 180 -31.19 -1.39 31.79
N ALA B 181 -31.49 -2.08 32.92
CA ALA B 181 -32.37 -3.24 32.95
C ALA B 181 -33.83 -2.85 33.16
N GLY B 182 -34.12 -1.55 33.28
CA GLY B 182 -35.42 -1.09 33.70
C GLY B 182 -36.43 -1.07 32.56
N PRO B 183 -37.71 -0.75 32.86
CA PRO B 183 -38.81 -0.92 31.92
C PRO B 183 -38.71 -0.20 30.58
N GLU B 184 -38.52 1.13 30.60
CA GLU B 184 -38.53 1.92 29.37
C GLU B 184 -37.14 2.00 28.74
N ALA B 185 -36.20 1.17 29.23
CA ALA B 185 -34.81 1.31 28.83
C ALA B 185 -34.69 1.26 27.31
N GLU B 186 -35.34 0.24 26.73
CA GLU B 186 -35.21 -0.03 25.30
C GLU B 186 -35.86 1.08 24.49
N THR B 187 -37.08 1.46 24.89
CA THR B 187 -37.84 2.49 24.19
C THR B 187 -37.10 3.82 24.23
N HIS B 188 -36.58 4.16 25.42
CA HIS B 188 -35.89 5.42 25.62
C HIS B 188 -34.61 5.40 24.78
N LEU B 189 -33.89 4.28 24.84
CA LEU B 189 -32.67 4.16 24.06
C LEU B 189 -32.95 4.23 22.55
N ARG B 190 -34.06 3.63 22.09
CA ARG B 190 -34.42 3.74 20.67
C ARG B 190 -34.67 5.21 20.33
N LYS B 191 -35.36 5.93 21.25
CA LYS B 191 -35.68 7.31 21.00
C LYS B 191 -34.38 8.09 20.82
N LEU B 192 -33.31 7.62 21.49
CA LEU B 192 -32.02 8.29 21.48
C LEU B 192 -31.16 7.86 20.31
N GLY B 193 -31.66 6.95 19.46
CA GLY B 193 -31.02 6.70 18.18
C GLY B 193 -30.09 5.49 18.17
N LEU B 194 -30.32 4.52 19.06
CA LEU B 194 -29.44 3.35 19.18
C LEU B 194 -29.92 2.21 18.28
N GLY B 195 -31.15 2.32 17.75
CA GLY B 195 -31.68 1.29 16.89
C GLY B 195 -31.79 -0.05 17.63
N TYR B 196 -31.42 -1.12 16.95
CA TYR B 196 -31.54 -2.48 17.45
C TYR B 196 -30.66 -2.67 18.68
N ARG B 197 -29.57 -1.90 18.77
CA ARG B 197 -28.63 -2.03 19.87
C ARG B 197 -29.30 -1.79 21.22
N ALA B 198 -30.38 -0.97 21.23
CA ALA B 198 -31.10 -0.68 22.45
C ALA B 198 -31.64 -1.95 23.11
N ARG B 199 -32.09 -2.90 22.29
CA ARG B 199 -32.60 -4.17 22.80
C ARG B 199 -31.49 -4.92 23.52
N TYR B 200 -30.28 -4.92 22.92
CA TYR B 200 -29.14 -5.65 23.46
C TYR B 200 -28.67 -5.03 24.79
N VAL B 201 -28.71 -3.69 24.88
CA VAL B 201 -28.33 -3.02 26.13
C VAL B 201 -29.21 -3.57 27.26
N ARG B 202 -30.52 -3.38 27.08
CA ARG B 202 -31.48 -3.77 28.11
C ARG B 202 -31.38 -5.25 28.43
N ALA B 203 -31.38 -6.09 27.39
CA ALA B 203 -31.43 -7.52 27.62
C ALA B 203 -30.15 -8.01 28.29
N SER B 204 -28.99 -7.44 27.93
CA SER B 204 -27.73 -7.86 28.55
C SER B 204 -27.66 -7.36 29.99
N ALA B 205 -28.12 -6.13 30.22
CA ALA B 205 -28.19 -5.65 31.59
C ALA B 205 -29.06 -6.60 32.42
N LYS B 206 -30.25 -6.92 31.88
CA LYS B 206 -31.22 -7.79 32.56
C LYS B 206 -30.59 -9.14 32.81
N ALA B 207 -29.92 -9.70 31.80
CA ALA B 207 -29.36 -11.03 31.93
C ALA B 207 -28.30 -11.05 33.02
N ILE B 208 -27.46 -10.02 33.10
CA ILE B 208 -26.35 -10.04 34.05
C ILE B 208 -26.92 -10.08 35.48
N LEU B 209 -27.92 -9.23 35.73
CA LEU B 209 -28.55 -9.13 37.05
C LEU B 209 -29.26 -10.43 37.42
N GLU B 210 -30.26 -10.82 36.63
CA GLU B 210 -31.00 -12.02 36.94
C GLU B 210 -30.09 -13.24 36.88
N GLU B 211 -29.57 -13.51 35.69
CA GLU B 211 -29.09 -14.83 35.32
C GLU B 211 -27.62 -15.02 35.70
N GLN B 212 -26.86 -13.94 35.87
CA GLN B 212 -25.46 -14.05 36.22
C GLN B 212 -25.21 -13.47 37.62
N GLY B 213 -26.23 -12.89 38.27
CA GLY B 213 -26.14 -12.48 39.67
C GLY B 213 -25.33 -11.19 39.85
N GLY B 214 -25.42 -10.27 38.88
CA GLY B 214 -25.07 -8.86 39.10
C GLY B 214 -23.64 -8.51 38.70
N PRO B 215 -23.20 -7.26 38.94
CA PRO B 215 -21.93 -6.77 38.38
C PRO B 215 -20.65 -7.41 38.90
N ALA B 216 -20.77 -8.22 39.96
CA ALA B 216 -19.66 -9.02 40.46
C ALA B 216 -19.24 -10.07 39.43
N TRP B 217 -20.20 -10.53 38.61
CA TRP B 217 -19.94 -11.47 37.54
C TRP B 217 -18.92 -10.91 36.54
N LEU B 218 -19.12 -9.66 36.08
CA LEU B 218 -18.17 -9.00 35.21
C LEU B 218 -16.78 -8.98 35.87
N GLN B 219 -16.75 -8.67 37.17
CA GLN B 219 -15.49 -8.58 37.87
C GLN B 219 -14.82 -9.97 37.91
N GLN B 220 -15.62 -11.03 38.06
CA GLN B 220 -15.10 -12.38 38.08
C GLN B 220 -14.40 -12.65 36.74
N LEU B 221 -14.99 -12.19 35.63
CA LEU B 221 -14.42 -12.47 34.32
C LEU B 221 -13.03 -11.84 34.19
N ARG B 222 -12.78 -10.76 34.94
CA ARG B 222 -11.47 -10.13 34.93
C ARG B 222 -10.40 -11.05 35.50
N VAL B 223 -10.75 -11.96 36.41
CA VAL B 223 -9.77 -12.89 36.98
C VAL B 223 -9.88 -14.26 36.31
N ALA B 224 -11.01 -14.57 35.70
CA ALA B 224 -11.17 -15.79 34.94
C ALA B 224 -10.22 -15.83 33.74
N PRO B 225 -9.77 -17.02 33.28
CA PRO B 225 -8.91 -17.11 32.09
C PRO B 225 -9.63 -16.70 30.80
N TYR B 226 -8.81 -16.27 29.84
CA TYR B 226 -9.26 -15.64 28.61
C TYR B 226 -10.41 -16.43 27.98
N GLU B 227 -10.19 -17.71 27.72
CA GLU B 227 -11.10 -18.54 26.94
C GLU B 227 -12.47 -18.63 27.62
N GLU B 228 -12.46 -18.72 28.96
CA GLU B 228 -13.69 -18.79 29.75
C GLU B 228 -14.41 -17.43 29.74
N ALA B 229 -13.65 -16.35 29.85
CA ALA B 229 -14.24 -15.01 29.86
C ALA B 229 -14.93 -14.72 28.52
N HIS B 230 -14.24 -15.05 27.42
CA HIS B 230 -14.75 -14.85 26.07
C HIS B 230 -16.05 -15.64 25.85
N LYS B 231 -16.03 -16.92 26.24
CA LYS B 231 -17.21 -17.77 26.10
C LYS B 231 -18.37 -17.16 26.88
N ALA B 232 -18.10 -16.76 28.13
CA ALA B 232 -19.15 -16.21 28.99
C ALA B 232 -19.80 -15.00 28.32
N LEU B 233 -19.00 -14.06 27.81
CA LEU B 233 -19.52 -12.83 27.23
C LEU B 233 -20.42 -13.11 26.03
N CYS B 234 -20.05 -14.11 25.20
CA CYS B 234 -20.83 -14.43 24.00
C CYS B 234 -22.22 -14.98 24.32
N THR B 235 -22.47 -15.38 25.59
CA THR B 235 -23.83 -15.77 25.96
C THR B 235 -24.74 -14.54 26.03
N LEU B 236 -24.20 -13.32 25.97
CA LEU B 236 -25.02 -12.15 26.17
C LEU B 236 -25.66 -11.71 24.87
N PRO B 237 -26.90 -11.17 24.92
CA PRO B 237 -27.49 -10.47 23.78
C PRO B 237 -26.60 -9.37 23.19
N GLY B 238 -26.34 -9.48 21.90
CA GLY B 238 -25.67 -8.44 21.15
C GLY B 238 -24.16 -8.60 21.24
N VAL B 239 -23.70 -9.64 21.97
CA VAL B 239 -22.28 -9.88 22.16
C VAL B 239 -21.85 -11.12 21.38
N GLY B 240 -21.04 -10.91 20.33
CA GLY B 240 -20.35 -11.95 19.60
C GLY B 240 -18.84 -11.93 19.84
N ALA B 241 -18.12 -12.74 19.06
CA ALA B 241 -16.69 -12.98 19.29
C ALA B 241 -15.89 -11.68 19.26
N LYS B 242 -16.22 -10.76 18.36
CA LYS B 242 -15.43 -9.55 18.22
C LYS B 242 -15.63 -8.64 19.43
N VAL B 243 -16.89 -8.43 19.80
CA VAL B 243 -17.19 -7.54 20.92
C VAL B 243 -16.58 -8.13 22.19
N ALA B 244 -16.77 -9.44 22.39
CA ALA B 244 -16.23 -10.13 23.54
C ALA B 244 -14.71 -9.94 23.64
N ASP B 245 -14.02 -9.98 22.50
CA ASP B 245 -12.57 -9.82 22.46
C ASP B 245 -12.20 -8.38 22.79
N CYS B 246 -12.98 -7.42 22.29
CA CYS B 246 -12.77 -6.02 22.64
C CYS B 246 -12.80 -5.88 24.17
N ILE B 247 -13.85 -6.42 24.79
CA ILE B 247 -14.02 -6.30 26.23
C ILE B 247 -12.87 -7.01 26.96
N CYS B 248 -12.55 -8.24 26.50
CA CYS B 248 -11.47 -9.03 27.07
C CYS B 248 -10.16 -8.26 27.10
N LEU B 249 -9.84 -7.62 25.98
CA LEU B 249 -8.61 -6.89 25.79
C LEU B 249 -8.59 -5.57 26.56
N MET B 250 -9.74 -4.89 26.61
CA MET B 250 -9.79 -3.49 27.02
C MET B 250 -10.28 -3.34 28.46
N ALA B 251 -10.82 -4.40 29.06
CA ALA B 251 -11.41 -4.26 30.37
C ALA B 251 -11.15 -5.47 31.27
N LEU B 252 -10.74 -6.61 30.72
CA LEU B 252 -10.65 -7.82 31.53
C LEU B 252 -9.24 -8.38 31.55
N ASP B 253 -8.25 -7.51 31.31
CA ASP B 253 -6.85 -7.85 31.46
C ASP B 253 -6.49 -9.11 30.66
N LYS B 254 -6.96 -9.21 29.40
CA LYS B 254 -6.52 -10.26 28.49
C LYS B 254 -5.76 -9.63 27.32
N PRO B 255 -4.47 -9.28 27.48
CA PRO B 255 -3.72 -8.60 26.42
C PRO B 255 -3.54 -9.42 25.14
N GLN B 256 -3.84 -10.72 25.22
CA GLN B 256 -3.63 -11.62 24.09
C GLN B 256 -4.89 -11.67 23.23
N ALA B 257 -5.99 -11.07 23.68
CA ALA B 257 -7.23 -11.07 22.90
C ALA B 257 -7.09 -10.16 21.67
N VAL B 258 -7.57 -10.69 20.53
CA VAL B 258 -7.42 -10.02 19.25
C VAL B 258 -8.80 -9.91 18.60
N PRO B 259 -9.47 -8.76 18.65
CA PRO B 259 -10.79 -8.64 18.04
C PRO B 259 -10.63 -8.72 16.52
N VAL B 260 -11.33 -9.64 15.87
CA VAL B 260 -11.23 -9.82 14.44
C VAL B 260 -12.54 -9.39 13.78
N ASP B 261 -12.43 -8.43 12.86
CA ASP B 261 -13.51 -7.94 12.02
C ASP B 261 -12.96 -7.88 10.60
N VAL B 262 -13.70 -7.23 9.70
CA VAL B 262 -13.38 -7.20 8.27
C VAL B 262 -12.09 -6.40 8.02
N HIS B 263 -11.81 -5.40 8.85
CA HIS B 263 -10.62 -4.58 8.76
C HIS B 263 -9.36 -5.39 9.12
N VAL B 264 -9.43 -6.19 10.17
CA VAL B 264 -8.32 -7.05 10.56
C VAL B 264 -8.06 -8.04 9.43
N TRP B 265 -9.15 -8.60 8.88
CA TRP B 265 -9.05 -9.52 7.77
C TRP B 265 -8.24 -8.92 6.63
N GLN B 266 -8.60 -7.68 6.29
CA GLN B 266 -7.99 -6.92 5.20
C GLN B 266 -6.49 -6.75 5.44
N ILE B 267 -6.11 -6.28 6.66
CA ILE B 267 -4.72 -6.10 7.01
C ILE B 267 -3.98 -7.44 6.91
N ALA B 268 -4.55 -8.49 7.51
CA ALA B 268 -3.87 -9.78 7.57
C ALA B 268 -3.58 -10.29 6.16
N HIS B 269 -4.57 -10.15 5.26
CA HIS B 269 -4.43 -10.71 3.93
C HIS B 269 -3.45 -9.87 3.13
N ARG B 270 -3.59 -8.54 3.18
CA ARG B 270 -2.74 -7.64 2.41
C ARG B 270 -1.29 -7.60 2.89
N ASP B 271 -1.09 -7.41 4.18
CA ASP B 271 0.22 -7.12 4.73
C ASP B 271 0.93 -8.40 5.21
N TYR B 272 0.17 -9.49 5.47
CA TYR B 272 0.77 -10.73 5.97
C TYR B 272 0.53 -11.93 5.05
N GLY B 273 -0.20 -11.74 3.95
CA GLY B 273 -0.42 -12.82 3.01
C GLY B 273 -1.32 -13.93 3.58
N TRP B 274 -2.16 -13.63 4.57
CA TRP B 274 -2.87 -14.69 5.26
C TRP B 274 -4.17 -15.04 4.55
N HIS B 275 -4.50 -16.34 4.55
CA HIS B 275 -5.79 -16.82 4.10
C HIS B 275 -6.23 -17.92 5.06
N PRO B 276 -7.55 -18.13 5.25
CA PRO B 276 -8.00 -19.22 6.11
C PRO B 276 -7.65 -20.56 5.47
N LYS B 277 -7.66 -21.65 6.25
CA LYS B 277 -7.72 -23.00 5.68
C LYS B 277 -9.16 -23.53 5.60
N THR B 278 -10.07 -22.93 6.40
CA THR B 278 -11.45 -23.42 6.51
C THR B 278 -12.26 -22.94 5.31
N SER B 279 -12.61 -23.86 4.41
CA SER B 279 -13.41 -23.55 3.22
C SER B 279 -14.87 -23.28 3.63
N SER B 285 -16.03 -15.74 8.50
CA SER B 285 -16.85 -16.82 9.12
C SER B 285 -16.35 -17.05 10.55
N PRO B 286 -17.21 -17.56 11.46
CA PRO B 286 -16.79 -17.79 12.85
C PRO B 286 -15.47 -18.55 12.98
N LEU B 287 -15.31 -19.65 12.23
CA LEU B 287 -14.12 -20.48 12.32
C LEU B 287 -12.89 -19.74 11.82
N ALA B 288 -12.99 -19.10 10.66
CA ALA B 288 -11.87 -18.35 10.10
C ALA B 288 -11.49 -17.18 10.99
N ASN B 289 -12.49 -16.48 11.57
CA ASN B 289 -12.23 -15.39 12.49
C ASN B 289 -11.42 -15.89 13.70
N LYS B 290 -11.82 -17.02 14.27
CA LYS B 290 -11.08 -17.63 15.38
C LYS B 290 -9.64 -17.93 14.98
N GLU B 291 -9.50 -18.53 13.80
CA GLU B 291 -8.18 -18.88 13.27
C GLU B 291 -7.29 -17.64 13.12
N LEU B 292 -7.87 -16.50 12.74
CA LEU B 292 -7.08 -15.31 12.51
C LEU B 292 -6.57 -14.75 13.84
N GLY B 293 -7.41 -14.81 14.87
CA GLY B 293 -6.96 -14.45 16.21
C GLY B 293 -5.76 -15.27 16.65
N ASN B 294 -5.86 -16.60 16.47
CA ASN B 294 -4.76 -17.50 16.81
C ASN B 294 -3.47 -17.13 16.06
N PHE B 295 -3.64 -16.80 14.78
CA PHE B 295 -2.52 -16.43 13.94
C PHE B 295 -1.75 -15.28 14.59
N PHE B 296 -2.45 -14.23 15.03
CA PHE B 296 -1.75 -13.05 15.53
C PHE B 296 -1.15 -13.31 16.91
N ARG B 297 -1.77 -14.14 17.73
CA ARG B 297 -1.14 -14.55 18.98
C ARG B 297 0.16 -15.30 18.67
N ASN B 298 0.11 -16.19 17.69
CA ASN B 298 1.28 -16.97 17.28
C ASN B 298 2.39 -16.04 16.82
N LEU B 299 2.04 -14.98 16.08
CA LEU B 299 3.05 -14.08 15.56
C LEU B 299 3.64 -13.21 16.67
N TRP B 300 2.76 -12.59 17.46
CA TRP B 300 3.16 -11.46 18.30
C TRP B 300 3.31 -11.87 19.76
N GLY B 301 2.56 -12.87 20.20
CA GLY B 301 2.77 -13.37 21.54
C GLY B 301 1.68 -12.89 22.49
N PRO B 302 1.94 -12.88 23.81
CA PRO B 302 0.88 -12.66 24.79
C PRO B 302 0.37 -11.23 24.97
N TYR B 303 0.93 -10.29 24.20
CA TYR B 303 0.35 -8.96 24.12
C TYR B 303 -0.12 -8.69 22.70
N ALA B 304 -0.62 -9.73 22.02
CA ALA B 304 -1.01 -9.58 20.61
C ALA B 304 -2.03 -8.46 20.42
N GLY B 305 -2.98 -8.31 21.35
CA GLY B 305 -4.04 -7.32 21.22
C GLY B 305 -3.48 -5.90 21.20
N TRP B 306 -2.45 -5.68 21.99
CA TRP B 306 -1.79 -4.41 22.04
C TRP B 306 -1.08 -4.17 20.72
N ALA B 307 -0.44 -5.20 20.19
CA ALA B 307 0.26 -5.02 18.91
C ALA B 307 -0.74 -4.64 17.82
N GLN B 308 -1.90 -5.28 17.81
CA GLN B 308 -2.94 -4.96 16.85
C GLN B 308 -3.32 -3.48 16.93
N ALA B 309 -3.38 -2.93 18.14
CA ALA B 309 -3.80 -1.55 18.30
C ALA B 309 -2.77 -0.60 17.70
N VAL B 310 -1.49 -0.97 17.71
CA VAL B 310 -0.47 -0.16 17.05
C VAL B 310 -0.73 -0.16 15.53
N LEU B 311 -1.01 -1.33 14.96
CA LEU B 311 -1.30 -1.44 13.54
C LEU B 311 -2.53 -0.61 13.21
N PHE B 312 -3.59 -0.76 14.00
CA PHE B 312 -4.82 -0.01 13.78
C PHE B 312 -4.49 1.48 13.72
N SER B 313 -3.69 1.99 14.66
CA SER B 313 -3.40 3.40 14.77
C SER B 313 -2.75 3.92 13.50
N ALA B 314 -1.96 3.08 12.81
CA ALA B 314 -1.30 3.49 11.58
C ALA B 314 -2.27 3.52 10.39
N ASP B 315 -3.30 2.67 10.41
CA ASP B 315 -4.26 2.62 9.32
C ASP B 315 -5.33 3.72 9.44
N LEU B 316 -5.47 4.34 10.62
CA LEU B 316 -6.40 5.43 10.86
C LEU B 316 -5.81 6.76 10.37
N ARG B 317 -4.48 6.84 10.23
CA ARG B 317 -3.80 8.05 9.77
C ARG B 317 -3.26 7.81 8.34
N GLY C 1 55.75 2.81 6.70
CA GLY C 1 54.86 3.44 5.69
C GLY C 1 53.98 4.47 6.36
N SER C 2 53.52 5.45 5.59
CA SER C 2 52.56 6.41 6.13
C SER C 2 51.19 5.75 6.27
N HIS C 3 50.46 6.30 7.24
CA HIS C 3 49.04 6.00 7.34
C HIS C 3 48.35 6.41 6.05
N MET C 4 47.65 5.45 5.45
CA MET C 4 46.91 5.67 4.22
C MET C 4 45.42 5.78 4.52
N ARG C 5 44.75 6.67 3.78
CA ARG C 5 43.36 7.06 3.97
C ARG C 5 42.59 6.68 2.71
N HIS C 6 41.26 6.48 2.85
CA HIS C 6 40.42 6.31 1.67
C HIS C 6 40.42 7.60 0.84
N ARG C 7 40.58 7.42 -0.47
CA ARG C 7 40.60 8.53 -1.40
C ARG C 7 39.17 9.01 -1.71
N THR C 8 39.07 10.30 -2.08
CA THR C 8 37.91 10.85 -2.73
C THR C 8 38.32 11.42 -4.09
N LEU C 9 37.32 11.76 -4.91
CA LEU C 9 37.58 12.24 -6.27
C LEU C 9 38.22 13.64 -6.24
N SER C 10 37.98 14.38 -5.15
CA SER C 10 38.62 15.68 -4.93
C SER C 10 40.09 15.56 -4.59
N SER C 11 40.43 14.55 -3.77
CA SER C 11 41.69 14.46 -3.06
C SER C 11 42.85 14.03 -3.97
N SER C 12 42.59 13.26 -5.03
CA SER C 12 43.71 12.50 -5.59
C SER C 12 43.55 12.23 -7.08
N PRO C 13 43.15 13.23 -7.91
CA PRO C 13 42.56 12.97 -9.21
C PRO C 13 43.51 12.28 -10.18
N ALA C 14 44.81 12.45 -9.98
CA ALA C 14 45.81 11.67 -10.71
C ALA C 14 45.50 10.16 -10.66
N LEU C 15 44.93 9.69 -9.55
CA LEU C 15 44.83 8.26 -9.28
C LEU C 15 43.47 7.69 -9.68
N TRP C 16 42.64 8.49 -10.35
CA TRP C 16 41.30 8.07 -10.75
C TRP C 16 41.21 7.90 -12.26
N ALA C 17 40.51 6.85 -12.68
CA ALA C 17 40.09 6.67 -14.05
C ALA C 17 38.57 6.78 -14.11
N SER C 18 38.01 6.80 -15.31
CA SER C 18 36.58 6.98 -15.46
C SER C 18 36.09 6.08 -16.58
N ILE C 19 34.83 5.66 -16.42
CA ILE C 19 34.14 4.88 -17.44
C ILE C 19 32.84 5.61 -17.75
N PRO C 20 32.58 5.94 -19.04
CA PRO C 20 31.30 6.53 -19.42
C PRO C 20 30.16 5.62 -18.95
N CYS C 21 29.26 6.19 -18.14
CA CYS C 21 28.17 5.42 -17.59
C CYS C 21 27.11 6.37 -17.05
N PRO C 22 25.94 6.49 -17.72
CA PRO C 22 24.84 7.31 -17.18
C PRO C 22 24.42 6.74 -15.83
N ARG C 23 24.09 7.64 -14.89
CA ARG C 23 23.58 7.24 -13.59
C ARG C 23 22.30 6.43 -13.74
N SER C 24 21.58 6.60 -14.87
CA SER C 24 20.37 5.86 -15.19
C SER C 24 20.64 4.40 -15.54
N GLU C 25 21.89 4.06 -15.89
CA GLU C 25 22.26 2.67 -16.08
C GLU C 25 22.84 2.04 -14.81
N LEU C 26 23.24 2.87 -13.82
CA LEU C 26 23.90 2.38 -12.62
C LEU C 26 23.86 3.42 -11.50
N ARG C 27 23.22 3.03 -10.39
CA ARG C 27 23.24 3.77 -9.14
C ARG C 27 23.99 2.93 -8.11
N LEU C 28 25.18 3.41 -7.75
CA LEU C 28 26.04 2.70 -6.83
C LEU C 28 25.33 2.47 -5.51
N ASP C 29 24.53 3.48 -5.10
CA ASP C 29 23.95 3.47 -3.76
C ASP C 29 22.80 2.45 -3.71
N LEU C 30 22.36 1.94 -4.87
CA LEU C 30 21.25 1.00 -4.87
C LEU C 30 21.76 -0.42 -5.13
N VAL C 31 23.00 -0.53 -5.59
CA VAL C 31 23.53 -1.83 -5.98
C VAL C 31 24.52 -2.41 -4.97
N LEU C 32 25.39 -1.57 -4.40
CA LEU C 32 26.54 -2.06 -3.66
C LEU C 32 26.18 -2.48 -2.23
N ALA C 33 25.05 -2.02 -1.68
CA ALA C 33 24.72 -2.40 -0.31
C ALA C 33 23.34 -3.02 -0.20
N SER C 34 22.98 -3.78 -1.24
CA SER C 34 21.61 -4.13 -1.56
C SER C 34 21.35 -5.60 -1.30
N GLY C 35 22.28 -6.29 -0.62
CA GLY C 35 22.18 -7.73 -0.46
C GLY C 35 22.61 -8.53 -1.69
N GLN C 36 23.44 -7.94 -2.58
CA GLN C 36 24.06 -8.73 -3.62
C GLN C 36 25.47 -9.14 -3.15
N SER C 37 26.34 -8.13 -3.02
CA SER C 37 27.66 -8.24 -2.42
C SER C 37 27.58 -7.68 -1.01
N PHE C 38 28.42 -8.22 -0.14
CA PHE C 38 28.48 -7.76 1.24
C PHE C 38 29.82 -7.08 1.53
N ARG C 39 30.56 -6.69 0.48
CA ARG C 39 31.94 -6.23 0.63
C ARG C 39 32.13 -4.74 0.32
N TRP C 40 31.04 -3.96 0.18
CA TRP C 40 31.18 -2.55 -0.17
C TRP C 40 30.64 -1.69 0.96
N LYS C 41 31.36 -0.61 1.31
CA LYS C 41 30.88 0.34 2.30
C LYS C 41 31.15 1.76 1.81
N GLU C 42 30.19 2.65 2.07
CA GLU C 42 30.33 4.06 1.81
C GLU C 42 31.17 4.70 2.90
N GLN C 43 32.51 4.55 2.82
CA GLN C 43 33.40 5.00 3.90
C GLN C 43 33.43 6.53 4.00
N SER C 44 33.32 7.22 2.86
CA SER C 44 32.97 8.64 2.86
C SER C 44 31.78 8.86 1.93
N PRO C 45 31.04 9.98 2.07
CA PRO C 45 29.81 10.18 1.31
C PRO C 45 29.99 10.05 -0.22
N ALA C 46 29.09 9.27 -0.81
CA ALA C 46 29.06 9.00 -2.23
C ALA C 46 30.30 8.23 -2.70
N HIS C 47 31.15 7.74 -1.79
CA HIS C 47 32.36 7.00 -2.20
C HIS C 47 32.36 5.59 -1.61
N TRP C 48 32.34 4.58 -2.49
CA TRP C 48 32.17 3.22 -2.02
C TRP C 48 33.49 2.48 -2.16
N SER C 49 33.87 1.78 -1.09
CA SER C 49 35.15 1.09 -1.07
C SER C 49 34.92 -0.37 -0.73
N GLY C 50 35.66 -1.25 -1.43
CA GLY C 50 35.52 -2.68 -1.17
C GLY C 50 36.56 -3.46 -1.97
N VAL C 51 36.59 -4.78 -1.71
CA VAL C 51 37.57 -5.66 -2.32
C VAL C 51 36.94 -6.32 -3.55
N LEU C 52 37.70 -6.36 -4.63
CA LEU C 52 37.32 -6.97 -5.90
C LEU C 52 38.54 -7.71 -6.43
N ALA C 53 38.40 -9.04 -6.53
CA ALA C 53 39.47 -9.93 -6.96
C ALA C 53 40.81 -9.50 -6.37
N ASP C 54 40.92 -9.53 -5.03
CA ASP C 54 42.18 -9.36 -4.34
C ASP C 54 42.79 -7.95 -4.46
N GLN C 55 42.02 -6.94 -4.88
CA GLN C 55 42.48 -5.55 -4.76
C GLN C 55 41.34 -4.69 -4.18
N VAL C 56 41.72 -3.61 -3.50
CA VAL C 56 40.74 -2.68 -2.97
C VAL C 56 40.45 -1.57 -3.98
N TRP C 57 39.16 -1.24 -4.13
CA TRP C 57 38.71 -0.17 -5.02
C TRP C 57 37.91 0.85 -4.22
N THR C 58 37.91 2.10 -4.70
CA THR C 58 36.92 3.08 -4.30
C THR C 58 36.22 3.54 -5.57
N LEU C 59 34.88 3.64 -5.49
CA LEU C 59 34.02 4.02 -6.60
C LEU C 59 33.14 5.20 -6.23
N THR C 60 32.93 6.06 -7.22
CA THR C 60 32.00 7.18 -7.07
C THR C 60 31.57 7.54 -8.46
N GLN C 61 30.50 8.34 -8.57
CA GLN C 61 30.00 8.67 -9.89
C GLN C 61 29.37 10.05 -9.90
N THR C 62 29.31 10.60 -11.12
CA THR C 62 28.49 11.75 -11.47
C THR C 62 27.34 11.24 -12.34
N GLU C 63 26.57 12.18 -12.92
CA GLU C 63 25.45 11.85 -13.77
C GLU C 63 25.89 11.05 -14.99
N ASP C 64 27.15 11.19 -15.40
CA ASP C 64 27.57 10.75 -16.72
C ASP C 64 28.75 9.77 -16.62
N GLN C 65 29.47 9.77 -15.48
CA GLN C 65 30.73 9.04 -15.41
C GLN C 65 30.76 8.15 -14.17
N LEU C 66 31.34 6.94 -14.31
CA LEU C 66 31.71 6.12 -13.17
C LEU C 66 33.22 6.28 -12.92
N TYR C 67 33.58 6.88 -11.78
CA TYR C 67 34.98 7.09 -11.44
C TYR C 67 35.45 5.99 -10.50
N CYS C 68 36.70 5.53 -10.70
CA CYS C 68 37.27 4.49 -9.86
C CYS C 68 38.76 4.69 -9.63
N THR C 69 39.23 4.14 -8.49
CA THR C 69 40.61 4.15 -8.11
C THR C 69 40.94 2.82 -7.45
N VAL C 70 42.17 2.34 -7.65
CA VAL C 70 42.58 1.03 -7.16
C VAL C 70 43.78 1.25 -6.25
N TYR C 71 43.80 0.53 -5.13
CA TYR C 71 44.89 0.68 -4.17
C TYR C 71 45.86 -0.49 -4.29
N ARG C 72 47.09 -0.13 -4.69
CA ARG C 72 48.28 -0.94 -4.60
C ARG C 72 48.86 -0.58 -3.24
N GLY C 73 49.80 -1.39 -2.72
CA GLY C 73 50.17 -1.37 -1.31
C GLY C 73 50.88 -0.09 -0.83
N ASP C 74 51.87 0.40 -1.58
CA ASP C 74 52.87 1.32 -1.06
C ASP C 74 52.37 2.78 -1.11
N VAL C 78 52.04 3.61 -7.18
CA VAL C 78 50.69 4.25 -7.25
C VAL C 78 50.50 4.81 -8.66
N SER C 79 49.32 4.55 -9.22
CA SER C 79 48.95 4.93 -10.57
C SER C 79 47.44 4.78 -10.77
N ARG C 80 46.93 5.38 -11.85
CA ARG C 80 45.57 5.16 -12.33
C ARG C 80 45.29 3.67 -12.48
N PRO C 81 44.02 3.22 -12.44
CA PRO C 81 43.67 1.87 -12.89
C PRO C 81 44.09 1.71 -14.35
N THR C 82 44.58 0.51 -14.68
CA THR C 82 44.96 0.15 -16.04
C THR C 82 43.72 -0.18 -16.85
N LEU C 83 43.90 -0.32 -18.17
CA LEU C 83 42.88 -0.78 -19.08
C LEU C 83 42.31 -2.12 -18.61
N GLU C 84 43.16 -3.08 -18.23
CA GLU C 84 42.73 -4.41 -17.82
C GLU C 84 41.82 -4.32 -16.60
N GLU C 85 42.26 -3.52 -15.61
CA GLU C 85 41.48 -3.31 -14.40
C GLU C 85 40.13 -2.67 -14.75
N LEU C 86 40.10 -1.73 -15.70
CA LEU C 86 38.88 -1.05 -16.09
C LEU C 86 37.92 -2.02 -16.79
N GLU C 87 38.47 -3.02 -17.48
CA GLU C 87 37.65 -4.04 -18.11
C GLU C 87 37.09 -4.99 -17.04
N THR C 88 37.86 -5.29 -15.98
CA THR C 88 37.37 -6.04 -14.85
C THR C 88 36.10 -5.37 -14.30
N LEU C 89 36.16 -4.05 -14.18
CA LEU C 89 35.11 -3.27 -13.53
C LEU C 89 33.89 -3.18 -14.44
N HIS C 90 34.14 -3.07 -15.74
CA HIS C 90 33.08 -3.04 -16.74
C HIS C 90 32.29 -4.35 -16.72
N LYS C 91 32.99 -5.48 -16.58
CA LYS C 91 32.38 -6.79 -16.51
C LYS C 91 31.63 -6.96 -15.17
N TYR C 92 32.21 -6.47 -14.08
CA TYR C 92 31.57 -6.61 -12.77
C TYR C 92 30.19 -5.94 -12.77
N PHE C 93 30.04 -4.83 -13.48
CA PHE C 93 28.76 -4.14 -13.54
C PHE C 93 27.98 -4.54 -14.79
N GLN C 94 28.46 -5.54 -15.52
CA GLN C 94 27.79 -6.02 -16.72
C GLN C 94 27.25 -4.85 -17.56
N LEU C 95 28.12 -3.87 -17.85
CA LEU C 95 27.69 -2.62 -18.47
C LEU C 95 27.38 -2.78 -19.96
N ASP C 96 27.74 -3.91 -20.58
CA ASP C 96 27.24 -4.27 -21.90
C ASP C 96 25.70 -4.38 -21.87
N VAL C 97 25.10 -4.79 -20.74
CA VAL C 97 23.67 -4.96 -20.68
C VAL C 97 23.02 -3.61 -20.49
N SER C 98 22.04 -3.29 -21.33
CA SER C 98 21.37 -2.00 -21.31
C SER C 98 20.16 -2.05 -20.38
N LEU C 99 20.18 -1.21 -19.35
CA LEU C 99 19.09 -1.16 -18.40
C LEU C 99 17.90 -0.37 -18.93
N ALA C 100 18.16 0.65 -19.80
CA ALA C 100 17.08 1.41 -20.42
C ALA C 100 16.14 0.48 -21.21
N GLN C 101 16.73 -0.45 -21.97
CA GLN C 101 15.97 -1.42 -22.74
C GLN C 101 15.19 -2.36 -21.83
N LEU C 102 15.83 -2.84 -20.76
CA LEU C 102 15.20 -3.75 -19.83
C LEU C 102 14.05 -3.06 -19.08
N TYR C 103 14.28 -1.87 -18.54
CA TYR C 103 13.21 -1.19 -17.82
C TYR C 103 12.05 -0.89 -18.78
N SER C 104 12.37 -0.57 -20.04
CA SER C 104 11.36 -0.25 -21.05
C SER C 104 10.49 -1.48 -21.30
N HIS C 105 11.13 -2.64 -21.50
CA HIS C 105 10.45 -3.91 -21.70
C HIS C 105 9.59 -4.28 -20.48
N TRP C 106 10.18 -4.27 -19.29
CA TRP C 106 9.43 -4.64 -18.10
C TRP C 106 8.28 -3.67 -17.91
N ALA C 107 8.48 -2.36 -18.13
CA ALA C 107 7.40 -1.38 -17.98
C ALA C 107 6.21 -1.68 -18.90
N SER C 108 6.49 -2.23 -20.08
CA SER C 108 5.46 -2.41 -21.09
C SER C 108 4.58 -3.62 -20.77
N VAL C 109 5.10 -4.61 -20.01
CA VAL C 109 4.31 -5.79 -19.66
C VAL C 109 3.79 -5.73 -18.23
N ASP C 110 4.14 -4.71 -17.45
CA ASP C 110 3.88 -4.76 -16.03
C ASP C 110 3.69 -3.36 -15.47
N SER C 111 2.43 -3.04 -15.13
CA SER C 111 2.05 -1.69 -14.73
C SER C 111 2.60 -1.40 -13.34
N HIS C 112 2.63 -2.44 -12.48
CA HIS C 112 3.20 -2.26 -11.16
C HIS C 112 4.63 -1.77 -11.29
N PHE C 113 5.38 -2.47 -12.15
CA PHE C 113 6.76 -2.14 -12.38
C PHE C 113 6.89 -0.69 -12.85
N GLN C 114 6.08 -0.32 -13.84
CA GLN C 114 6.16 0.99 -14.46
C GLN C 114 6.05 2.10 -13.42
N ARG C 115 5.18 1.94 -12.41
CA ARG C 115 5.00 2.97 -11.38
C ARG C 115 6.22 3.00 -10.44
N VAL C 116 6.60 1.82 -9.96
CA VAL C 116 7.56 1.70 -8.88
C VAL C 116 8.99 1.87 -9.36
N ALA C 117 9.31 1.45 -10.59
CA ALA C 117 10.62 1.65 -11.20
C ALA C 117 10.98 3.12 -11.52
N GLN C 118 10.09 4.08 -11.36
CA GLN C 118 10.40 5.42 -11.81
C GLN C 118 11.55 6.01 -11.00
N LYS C 119 11.48 5.82 -9.68
CA LYS C 119 12.42 6.46 -8.77
C LYS C 119 13.67 5.58 -8.60
N PHE C 120 13.61 4.31 -9.05
CA PHE C 120 14.65 3.34 -8.73
C PHE C 120 15.28 2.86 -10.04
N GLN C 121 15.86 3.82 -10.76
CA GLN C 121 16.66 3.56 -11.93
C GLN C 121 18.04 3.10 -11.49
N GLY C 122 18.71 2.40 -12.41
CA GLY C 122 20.12 2.13 -12.27
C GLY C 122 20.38 0.97 -11.30
N VAL C 123 19.35 0.13 -11.12
CA VAL C 123 19.48 -1.11 -10.38
C VAL C 123 19.87 -2.22 -11.34
N ARG C 124 21.07 -2.76 -11.17
CA ARG C 124 21.51 -3.86 -12.00
C ARG C 124 22.13 -4.95 -11.14
N LEU C 125 22.52 -6.06 -11.77
CA LEU C 125 23.19 -7.14 -11.08
C LEU C 125 24.69 -7.08 -11.30
N LEU C 126 25.38 -7.25 -10.18
CA LEU C 126 26.80 -7.48 -10.22
C LEU C 126 27.07 -8.87 -10.74
N ARG C 127 28.25 -9.00 -11.36
CA ARG C 127 28.77 -10.30 -11.76
C ARG C 127 29.90 -10.64 -10.82
N GLN C 128 29.57 -11.46 -9.84
CA GLN C 128 30.43 -11.75 -8.72
C GLN C 128 31.23 -13.02 -9.01
N ASP C 129 32.34 -13.12 -8.29
CA ASP C 129 33.14 -14.32 -8.28
C ASP C 129 32.31 -15.43 -7.66
N PRO C 130 32.17 -16.59 -8.36
CA PRO C 130 31.38 -17.71 -7.87
C PRO C 130 31.71 -18.15 -6.46
N THR C 131 33.02 -18.21 -6.14
CA THR C 131 33.43 -18.74 -4.85
C THR C 131 32.95 -17.80 -3.75
N GLU C 132 33.27 -16.52 -3.87
CA GLU C 132 32.95 -15.56 -2.83
C GLU C 132 31.44 -15.55 -2.62
N CYS C 133 30.67 -15.54 -3.72
CA CYS C 133 29.23 -15.50 -3.68
C CYS C 133 28.66 -16.74 -2.99
N LEU C 134 29.16 -17.92 -3.38
CA LEU C 134 28.69 -19.18 -2.80
C LEU C 134 28.84 -19.13 -1.29
N PHE C 135 30.05 -18.85 -0.78
CA PHE C 135 30.32 -18.99 0.64
C PHE C 135 29.69 -17.85 1.40
N SER C 136 29.58 -16.67 0.77
CA SER C 136 28.86 -15.58 1.41
C SER C 136 27.40 -15.99 1.67
N PHE C 137 26.74 -16.61 0.68
CA PHE C 137 25.33 -16.96 0.82
C PHE C 137 25.12 -18.21 1.68
N ILE C 138 26.11 -19.11 1.72
CA ILE C 138 26.08 -20.26 2.62
C ILE C 138 25.98 -19.80 4.07
N CYS C 139 26.54 -18.63 4.43
CA CYS C 139 26.44 -18.13 5.81
C CYS C 139 25.07 -17.47 6.07
N SER C 140 24.30 -17.21 4.99
CA SER C 140 23.02 -16.53 5.07
C SER C 140 21.90 -17.52 5.37
N SER C 141 21.08 -17.22 6.38
CA SER C 141 19.84 -17.95 6.61
C SER C 141 18.94 -17.10 7.50
N ASN C 142 17.87 -16.58 6.90
CA ASN C 142 17.07 -15.52 7.51
C ASN C 142 17.99 -14.49 8.14
N ASN C 143 19.22 -14.37 7.63
CA ASN C 143 20.08 -13.33 8.11
C ASN C 143 19.81 -12.11 7.23
N ASN C 144 20.09 -10.97 7.83
CA ASN C 144 19.92 -9.70 7.16
C ASN C 144 21.30 -9.24 6.70
N ILE C 145 21.25 -8.20 5.86
CA ILE C 145 22.44 -7.68 5.22
C ILE C 145 23.46 -7.32 6.29
N ALA C 146 23.04 -6.57 7.32
CA ALA C 146 23.97 -6.11 8.36
C ALA C 146 24.78 -7.28 8.91
N ARG C 147 24.07 -8.35 9.31
CA ARG C 147 24.72 -9.48 9.98
C ARG C 147 25.58 -10.29 9.02
N ILE C 148 25.12 -10.46 7.78
CA ILE C 148 25.89 -11.20 6.78
C ILE C 148 27.18 -10.45 6.49
N THR C 149 27.07 -9.13 6.29
CA THR C 149 28.21 -8.25 6.07
C THR C 149 29.23 -8.45 7.18
N GLY C 150 28.75 -8.54 8.43
CA GLY C 150 29.61 -8.75 9.58
C GLY C 150 30.34 -10.09 9.50
N MET C 151 29.58 -11.17 9.22
CA MET C 151 30.18 -12.50 9.15
C MET C 151 31.20 -12.56 8.02
N VAL C 152 30.91 -11.97 6.86
CA VAL C 152 31.79 -12.09 5.71
C VAL C 152 33.09 -11.36 6.01
N GLU C 153 32.99 -10.19 6.64
CA GLU C 153 34.15 -9.43 7.08
C GLU C 153 35.04 -10.30 7.98
N ARG C 154 34.46 -10.88 9.05
CA ARG C 154 35.22 -11.67 10.00
C ARG C 154 35.81 -12.91 9.35
N LEU C 155 35.03 -13.55 8.47
CA LEU C 155 35.52 -14.66 7.68
C LEU C 155 36.78 -14.26 6.90
N CYS C 156 36.75 -13.12 6.24
CA CYS C 156 37.84 -12.71 5.37
C CYS C 156 39.06 -12.35 6.21
N GLN C 157 38.85 -11.68 7.36
CA GLN C 157 39.94 -11.32 8.26
C GLN C 157 40.67 -12.57 8.74
N ALA C 158 39.91 -13.61 9.10
CA ALA C 158 40.50 -14.79 9.73
C ALA C 158 41.13 -15.73 8.72
N PHE C 159 40.63 -15.81 7.48
CA PHE C 159 41.06 -16.87 6.58
C PHE C 159 41.60 -16.35 5.25
N GLY C 160 41.44 -15.05 4.99
CA GLY C 160 41.88 -14.47 3.74
C GLY C 160 43.16 -13.64 3.87
N PRO C 161 43.93 -13.49 2.79
CA PRO C 161 45.15 -12.67 2.81
C PRO C 161 44.87 -11.20 3.13
N ARG C 162 45.64 -10.62 4.06
CA ARG C 162 45.60 -9.19 4.35
C ARG C 162 46.08 -8.44 3.10
N LEU C 163 45.35 -7.40 2.69
CA LEU C 163 45.67 -6.66 1.47
C LEU C 163 46.26 -5.29 1.81
N ILE C 164 45.51 -4.50 2.56
CA ILE C 164 45.89 -3.12 2.84
C ILE C 164 45.04 -2.63 4.01
N GLN C 165 45.50 -1.55 4.64
CA GLN C 165 44.69 -0.82 5.58
C GLN C 165 44.48 0.61 5.06
N LEU C 166 43.21 1.06 5.03
CA LEU C 166 42.87 2.45 4.76
C LEU C 166 42.04 2.95 5.92
N ASP C 167 42.41 4.10 6.49
CA ASP C 167 41.81 4.61 7.72
C ASP C 167 41.97 3.54 8.81
N ASP C 168 40.87 3.20 9.50
CA ASP C 168 40.92 2.14 10.50
C ASP C 168 40.39 0.82 9.92
N VAL C 169 40.45 0.64 8.60
CA VAL C 169 39.83 -0.51 7.96
C VAL C 169 40.91 -1.38 7.35
N THR C 170 40.95 -2.64 7.78
CA THR C 170 41.88 -3.61 7.23
C THR C 170 41.12 -4.46 6.21
N TYR C 171 41.58 -4.47 4.96
CA TYR C 171 40.91 -5.19 3.89
C TYR C 171 41.59 -6.53 3.68
N HIS C 172 40.79 -7.62 3.65
CA HIS C 172 41.28 -8.95 3.33
C HIS C 172 40.63 -9.45 2.04
N GLY C 173 41.41 -10.21 1.27
CA GLY C 173 40.89 -10.94 0.11
C GLY C 173 39.93 -12.05 0.57
N PHE C 174 39.16 -12.58 -0.37
CA PHE C 174 38.25 -13.66 -0.04
C PHE C 174 39.11 -14.93 0.07
N PRO C 175 38.92 -15.76 1.12
CA PRO C 175 39.68 -17.00 1.28
C PRO C 175 39.60 -17.91 0.07
N ASN C 176 40.65 -18.73 -0.10
CA ASN C 176 40.65 -19.73 -1.16
C ASN C 176 39.95 -20.97 -0.59
N LEU C 177 39.46 -21.85 -1.47
CA LEU C 177 38.81 -23.08 -1.05
C LEU C 177 39.67 -23.86 -0.06
N HIS C 178 40.98 -23.93 -0.33
CA HIS C 178 41.93 -24.65 0.50
C HIS C 178 41.85 -24.21 1.96
N ALA C 179 41.77 -22.90 2.17
CA ALA C 179 41.74 -22.32 3.51
C ALA C 179 40.45 -22.69 4.26
N LEU C 180 39.34 -22.83 3.51
CA LEU C 180 38.06 -23.10 4.15
C LEU C 180 37.87 -24.60 4.38
N ALA C 181 38.65 -25.43 3.69
CA ALA C 181 38.51 -26.89 3.70
C ALA C 181 39.38 -27.54 4.77
N GLY C 182 40.09 -26.74 5.57
CA GLY C 182 41.11 -27.25 6.49
C GLY C 182 40.51 -27.90 7.73
N PRO C 183 41.31 -28.63 8.54
CA PRO C 183 40.74 -29.45 9.62
C PRO C 183 40.00 -28.70 10.72
N GLU C 184 40.67 -27.71 11.33
CA GLU C 184 40.14 -26.93 12.44
C GLU C 184 39.29 -25.76 11.94
N ALA C 185 39.07 -25.70 10.63
CA ALA C 185 38.37 -24.57 10.04
C ALA C 185 36.98 -24.45 10.65
N GLU C 186 36.32 -25.57 10.92
CA GLU C 186 34.99 -25.57 11.52
C GLU C 186 35.00 -24.87 12.88
N THR C 187 35.93 -25.26 13.76
CA THR C 187 36.02 -24.70 15.11
C THR C 187 36.25 -23.19 15.05
N HIS C 188 37.17 -22.76 14.17
CA HIS C 188 37.54 -21.36 14.02
C HIS C 188 36.31 -20.60 13.50
N LEU C 189 35.65 -21.18 12.48
CA LEU C 189 34.48 -20.57 11.88
C LEU C 189 33.35 -20.45 12.91
N ARG C 190 33.18 -21.48 13.75
CA ARG C 190 32.15 -21.41 14.78
C ARG C 190 32.48 -20.28 15.75
N LYS C 191 33.77 -20.15 16.07
CA LYS C 191 34.21 -19.14 17.03
C LYS C 191 33.83 -17.77 16.47
N LEU C 192 33.77 -17.65 15.13
CA LEU C 192 33.47 -16.40 14.47
C LEU C 192 31.96 -16.20 14.28
N GLY C 193 31.13 -17.05 14.89
CA GLY C 193 29.72 -16.75 15.09
C GLY C 193 28.85 -17.20 13.91
N LEU C 194 29.08 -18.41 13.41
CA LEU C 194 28.36 -18.94 12.26
C LEU C 194 27.37 -20.02 12.68
N GLY C 195 27.52 -20.56 13.90
CA GLY C 195 26.76 -21.72 14.31
C GLY C 195 27.02 -22.92 13.40
N TYR C 196 25.95 -23.68 13.15
CA TYR C 196 26.12 -24.99 12.53
C TYR C 196 26.49 -24.80 11.06
N ARG C 197 26.23 -23.63 10.48
CA ARG C 197 26.57 -23.38 9.08
C ARG C 197 28.08 -23.41 8.85
N ALA C 198 28.90 -23.29 9.91
CA ALA C 198 30.33 -23.49 9.78
C ALA C 198 30.68 -24.87 9.22
N ARG C 199 29.89 -25.90 9.59
CA ARG C 199 30.07 -27.25 9.05
C ARG C 199 29.88 -27.22 7.53
N TYR C 200 28.84 -26.52 7.05
CA TYR C 200 28.51 -26.48 5.64
C TYR C 200 29.56 -25.73 4.84
N VAL C 201 30.15 -24.68 5.43
CA VAL C 201 31.20 -23.96 4.75
C VAL C 201 32.33 -24.93 4.44
N ARG C 202 32.89 -25.54 5.50
CA ARG C 202 34.01 -26.45 5.38
C ARG C 202 33.66 -27.61 4.45
N ALA C 203 32.51 -28.24 4.64
CA ALA C 203 32.15 -29.42 3.85
C ALA C 203 32.00 -29.09 2.38
N SER C 204 31.43 -27.91 2.05
CA SER C 204 31.25 -27.51 0.66
C SER C 204 32.60 -27.14 0.04
N ALA C 205 33.46 -26.49 0.84
CA ALA C 205 34.80 -26.21 0.37
C ALA C 205 35.48 -27.53 0.04
N LYS C 206 35.42 -28.48 0.99
CA LYS C 206 36.02 -29.80 0.86
C LYS C 206 35.48 -30.49 -0.37
N ALA C 207 34.15 -30.48 -0.56
CA ALA C 207 33.58 -31.17 -1.70
C ALA C 207 34.19 -30.61 -3.01
N ILE C 208 34.15 -29.29 -3.14
CA ILE C 208 34.48 -28.66 -4.42
C ILE C 208 35.98 -28.89 -4.70
N LEU C 209 36.79 -28.73 -3.66
CA LEU C 209 38.23 -28.80 -3.75
C LEU C 209 38.68 -30.23 -4.12
N GLU C 210 38.42 -31.16 -3.21
CA GLU C 210 38.97 -32.50 -3.32
C GLU C 210 38.24 -33.26 -4.42
N GLU C 211 36.92 -33.07 -4.57
CA GLU C 211 36.16 -33.91 -5.49
C GLU C 211 36.07 -33.29 -6.88
N GLN C 212 35.62 -32.03 -7.01
CA GLN C 212 35.20 -31.53 -8.32
C GLN C 212 36.12 -30.39 -8.76
N GLY C 213 37.27 -30.81 -9.30
CA GLY C 213 38.34 -29.93 -9.75
C GLY C 213 38.81 -28.96 -8.66
N GLY C 214 38.22 -27.77 -8.72
CA GLY C 214 38.29 -26.77 -7.68
C GLY C 214 37.38 -25.62 -8.13
N PRO C 215 37.86 -24.36 -8.07
CA PRO C 215 37.07 -23.22 -8.56
C PRO C 215 36.70 -23.27 -10.06
N ALA C 216 37.37 -24.14 -10.84
CA ALA C 216 37.06 -24.31 -12.25
C ALA C 216 35.68 -24.96 -12.43
N TRP C 217 35.26 -25.77 -11.46
CA TRP C 217 33.95 -26.39 -11.51
C TRP C 217 32.85 -25.33 -11.50
N LEU C 218 32.95 -24.37 -10.57
CA LEU C 218 32.02 -23.25 -10.54
C LEU C 218 32.05 -22.50 -11.88
N GLN C 219 33.23 -22.33 -12.46
CA GLN C 219 33.37 -21.66 -13.74
C GLN C 219 32.65 -22.46 -14.83
N GLN C 220 32.67 -23.80 -14.76
CA GLN C 220 31.94 -24.60 -15.73
C GLN C 220 30.43 -24.32 -15.59
N LEU C 221 29.95 -24.15 -14.36
CA LEU C 221 28.53 -23.89 -14.16
C LEU C 221 28.12 -22.56 -14.77
N ARG C 222 29.08 -21.65 -14.94
CA ARG C 222 28.82 -20.37 -15.57
C ARG C 222 28.47 -20.56 -17.05
N VAL C 223 28.96 -21.62 -17.69
CA VAL C 223 28.63 -21.88 -19.09
C VAL C 223 27.53 -22.94 -19.21
N ALA C 224 27.36 -23.77 -18.16
CA ALA C 224 26.25 -24.71 -18.14
C ALA C 224 24.91 -24.00 -18.18
N PRO C 225 23.82 -24.61 -18.71
CA PRO C 225 22.48 -24.00 -18.64
C PRO C 225 21.93 -23.88 -17.21
N TYR C 226 20.97 -22.97 -17.06
CA TYR C 226 20.44 -22.57 -15.76
C TYR C 226 20.10 -23.80 -14.93
N GLU C 227 19.25 -24.67 -15.49
CA GLU C 227 18.70 -25.82 -14.77
C GLU C 227 19.81 -26.76 -14.28
N GLU C 228 20.85 -26.94 -15.10
CA GLU C 228 21.97 -27.79 -14.72
C GLU C 228 22.79 -27.13 -13.61
N ALA C 229 23.00 -25.81 -13.71
CA ALA C 229 23.77 -25.09 -12.70
C ALA C 229 23.07 -25.14 -11.34
N HIS C 230 21.74 -24.92 -11.35
CA HIS C 230 20.93 -24.92 -10.14
C HIS C 230 20.98 -26.28 -9.45
N LYS C 231 20.77 -27.35 -10.25
CA LYS C 231 20.83 -28.72 -9.77
C LYS C 231 22.18 -28.98 -9.15
N ALA C 232 23.26 -28.62 -9.85
CA ALA C 232 24.61 -28.87 -9.38
C ALA C 232 24.81 -28.28 -7.98
N LEU C 233 24.45 -26.99 -7.83
CA LEU C 233 24.69 -26.30 -6.57
C LEU C 233 23.95 -26.98 -5.41
N CYS C 234 22.73 -27.46 -5.66
CA CYS C 234 21.88 -28.04 -4.61
C CYS C 234 22.41 -29.38 -4.11
N THR C 235 23.40 -29.97 -4.80
CA THR C 235 24.19 -31.10 -4.33
C THR C 235 24.90 -30.78 -3.02
N LEU C 236 25.21 -29.49 -2.84
CA LEU C 236 26.23 -29.09 -1.89
C LEU C 236 25.63 -28.97 -0.48
N PRO C 237 26.42 -29.32 0.56
CA PRO C 237 26.08 -29.01 1.93
C PRO C 237 25.69 -27.55 2.15
N GLY C 238 24.48 -27.37 2.69
CA GLY C 238 24.04 -26.08 3.17
C GLY C 238 23.47 -25.24 2.04
N VAL C 239 23.40 -25.83 0.83
CA VAL C 239 22.90 -25.13 -0.34
C VAL C 239 21.52 -25.69 -0.74
N GLY C 240 20.50 -24.83 -0.64
CA GLY C 240 19.16 -25.09 -1.15
C GLY C 240 18.79 -24.21 -2.35
N ALA C 241 17.54 -24.36 -2.81
CA ALA C 241 17.06 -23.77 -4.05
C ALA C 241 17.18 -22.24 -4.06
N LYS C 242 16.97 -21.61 -2.90
CA LYS C 242 17.01 -20.16 -2.84
C LYS C 242 18.46 -19.66 -3.03
N VAL C 243 19.38 -20.23 -2.25
CA VAL C 243 20.78 -19.82 -2.33
C VAL C 243 21.31 -20.11 -3.73
N ALA C 244 20.99 -21.29 -4.26
CA ALA C 244 21.40 -21.68 -5.60
C ALA C 244 20.93 -20.66 -6.63
N ASP C 245 19.70 -20.15 -6.47
CA ASP C 245 19.16 -19.15 -7.41
C ASP C 245 19.91 -17.82 -7.26
N CYS C 246 20.24 -17.46 -6.01
CA CYS C 246 21.03 -16.27 -5.77
C CYS C 246 22.33 -16.37 -6.57
N ILE C 247 23.03 -17.49 -6.39
CA ILE C 247 24.31 -17.70 -7.03
C ILE C 247 24.17 -17.72 -8.55
N CYS C 248 23.16 -18.44 -9.03
CA CYS C 248 22.88 -18.51 -10.47
C CYS C 248 22.76 -17.11 -11.08
N LEU C 249 21.99 -16.27 -10.41
CA LEU C 249 21.68 -14.92 -10.87
C LEU C 249 22.87 -13.98 -10.72
N MET C 250 23.64 -14.13 -9.65
CA MET C 250 24.59 -13.13 -9.20
C MET C 250 26.03 -13.48 -9.63
N ALA C 251 26.27 -14.74 -10.01
CA ALA C 251 27.63 -15.16 -10.25
C ALA C 251 27.76 -16.08 -11.46
N LEU C 252 26.65 -16.66 -11.98
CA LEU C 252 26.76 -17.70 -12.99
C LEU C 252 25.98 -17.32 -14.23
N ASP C 253 25.77 -16.02 -14.44
CA ASP C 253 25.23 -15.48 -15.69
C ASP C 253 23.92 -16.15 -16.06
N LYS C 254 23.00 -16.31 -15.07
CA LYS C 254 21.64 -16.74 -15.32
C LYS C 254 20.69 -15.61 -14.93
N PRO C 255 20.48 -14.61 -15.80
CA PRO C 255 19.60 -13.49 -15.49
C PRO C 255 18.13 -13.83 -15.24
N GLN C 256 17.74 -15.05 -15.61
CA GLN C 256 16.36 -15.46 -15.52
C GLN C 256 16.06 -16.10 -14.16
N ALA C 257 17.10 -16.31 -13.34
CA ALA C 257 16.90 -16.91 -12.03
C ALA C 257 16.21 -15.93 -11.11
N VAL C 258 15.20 -16.44 -10.39
CA VAL C 258 14.41 -15.64 -9.45
C VAL C 258 14.45 -16.31 -8.09
N PRO C 259 15.31 -15.85 -7.15
CA PRO C 259 15.38 -16.47 -5.82
C PRO C 259 14.08 -16.22 -5.09
N VAL C 260 13.45 -17.28 -4.60
CA VAL C 260 12.15 -17.16 -3.97
C VAL C 260 12.25 -17.46 -2.48
N ASP C 261 11.84 -16.50 -1.65
CA ASP C 261 11.69 -16.63 -0.21
C ASP C 261 10.38 -15.94 0.17
N VAL C 262 10.20 -15.69 1.48
CA VAL C 262 8.96 -15.19 2.04
C VAL C 262 8.69 -13.75 1.57
N HIS C 263 9.75 -12.97 1.35
CA HIS C 263 9.64 -11.59 0.89
C HIS C 263 9.11 -11.51 -0.55
N VAL C 264 9.61 -12.37 -1.45
CA VAL C 264 9.12 -12.33 -2.81
C VAL C 264 7.67 -12.83 -2.80
N TRP C 265 7.37 -13.81 -1.94
CA TRP C 265 6.01 -14.29 -1.79
C TRP C 265 5.07 -13.14 -1.47
N GLN C 266 5.50 -12.30 -0.53
CA GLN C 266 4.72 -11.18 -0.02
C GLN C 266 4.44 -10.19 -1.16
N ILE C 267 5.49 -9.81 -1.89
CA ILE C 267 5.36 -8.91 -3.03
C ILE C 267 4.39 -9.52 -4.05
N ALA C 268 4.62 -10.79 -4.41
CA ALA C 268 3.83 -11.45 -5.43
C ALA C 268 2.36 -11.42 -5.09
N HIS C 269 2.04 -11.72 -3.84
CA HIS C 269 0.65 -11.86 -3.43
C HIS C 269 0.03 -10.49 -3.32
N ARG C 270 0.70 -9.53 -2.69
CA ARG C 270 0.11 -8.23 -2.47
C ARG C 270 0.03 -7.38 -3.75
N ASP C 271 1.13 -7.34 -4.51
CA ASP C 271 1.23 -6.40 -5.63
C ASP C 271 0.82 -7.04 -6.96
N TYR C 272 0.85 -8.39 -7.06
CA TYR C 272 0.52 -9.09 -8.29
C TYR C 272 -0.71 -9.99 -8.13
N GLY C 273 -1.26 -10.12 -6.92
CA GLY C 273 -2.44 -10.92 -6.67
C GLY C 273 -2.16 -12.42 -6.86
N TRP C 274 -0.92 -12.85 -6.71
CA TRP C 274 -0.58 -14.22 -7.06
C TRP C 274 -0.84 -15.17 -5.89
N HIS C 275 -1.32 -16.37 -6.24
CA HIS C 275 -1.44 -17.49 -5.32
C HIS C 275 -1.07 -18.73 -6.10
N PRO C 276 -0.58 -19.81 -5.46
CA PRO C 276 -0.26 -21.04 -6.17
C PRO C 276 -1.48 -21.55 -6.95
N LYS C 277 -1.20 -22.07 -8.16
CA LYS C 277 -2.25 -22.57 -9.04
C LYS C 277 -2.15 -24.09 -9.13
N THR C 278 -0.96 -24.68 -8.93
CA THR C 278 -0.78 -26.08 -8.54
C THR C 278 -1.25 -26.27 -7.10
N SER C 279 -1.72 -25.18 -6.47
CA SER C 279 -2.60 -25.20 -5.32
C SER C 279 -2.25 -26.37 -4.39
N GLN C 280 -0.95 -26.50 -4.12
CA GLN C 280 -0.42 -27.54 -3.26
C GLN C 280 -0.85 -27.24 -1.82
N ALA C 281 -0.54 -26.01 -1.35
CA ALA C 281 -1.10 -25.46 -0.13
C ALA C 281 -1.26 -23.96 -0.31
N LYS C 282 -1.10 -23.19 0.76
CA LYS C 282 -1.26 -21.74 0.66
C LYS C 282 -0.08 -21.05 1.35
N GLY C 283 1.08 -21.71 1.37
CA GLY C 283 2.31 -21.12 1.90
C GLY C 283 3.52 -21.54 1.07
N PRO C 284 4.70 -20.89 1.23
CA PRO C 284 5.95 -21.41 0.65
C PRO C 284 6.15 -22.91 0.83
N SER C 285 6.66 -23.53 -0.24
CA SER C 285 6.91 -24.96 -0.33
C SER C 285 7.70 -25.17 -1.61
N PRO C 286 8.51 -26.24 -1.75
CA PRO C 286 9.35 -26.39 -2.94
C PRO C 286 8.60 -26.21 -4.27
N LEU C 287 7.40 -26.83 -4.40
CA LEU C 287 6.70 -26.83 -5.68
C LEU C 287 6.14 -25.44 -5.96
N ALA C 288 5.53 -24.84 -4.93
CA ALA C 288 4.96 -23.52 -5.07
C ALA C 288 6.05 -22.49 -5.33
N ASN C 289 7.22 -22.62 -4.67
CA ASN C 289 8.34 -21.71 -4.88
C ASN C 289 8.80 -21.79 -6.33
N LYS C 290 8.92 -23.01 -6.89
CA LYS C 290 9.27 -23.18 -8.30
C LYS C 290 8.26 -22.45 -9.19
N GLU C 291 6.97 -22.66 -8.87
CA GLU C 291 5.89 -22.06 -9.62
C GLU C 291 6.01 -20.53 -9.63
N LEU C 292 6.43 -19.94 -8.50
CA LEU C 292 6.48 -18.50 -8.39
C LEU C 292 7.60 -17.95 -9.27
N GLY C 293 8.73 -18.65 -9.28
CA GLY C 293 9.81 -18.32 -10.18
C GLY C 293 9.34 -18.32 -11.64
N ASN C 294 8.65 -19.38 -12.05
CA ASN C 294 8.14 -19.50 -13.41
C ASN C 294 7.19 -18.34 -13.73
N PHE C 295 6.38 -17.95 -12.74
CA PHE C 295 5.44 -16.86 -12.94
C PHE C 295 6.20 -15.62 -13.39
N PHE C 296 7.29 -15.29 -12.67
CA PHE C 296 7.98 -14.05 -12.94
C PHE C 296 8.77 -14.13 -14.24
N ARG C 297 9.32 -15.30 -14.57
CA ARG C 297 9.97 -15.49 -15.85
C ARG C 297 8.95 -15.24 -16.97
N ASN C 298 7.76 -15.82 -16.81
CA ASN C 298 6.70 -15.67 -17.79
C ASN C 298 6.32 -14.21 -17.98
N LEU C 299 6.22 -13.46 -16.87
CA LEU C 299 5.79 -12.07 -16.94
C LEU C 299 6.90 -11.19 -17.53
N TRP C 300 8.14 -11.34 -17.07
CA TRP C 300 9.18 -10.35 -17.31
C TRP C 300 10.15 -10.79 -18.40
N GLY C 301 10.35 -12.10 -18.52
CA GLY C 301 11.16 -12.60 -19.59
C GLY C 301 12.53 -13.03 -19.09
N PRO C 302 13.53 -13.16 -19.99
CA PRO C 302 14.81 -13.78 -19.63
C PRO C 302 15.74 -12.98 -18.73
N TYR C 303 15.34 -11.76 -18.32
CA TYR C 303 16.06 -11.03 -17.29
C TYR C 303 15.19 -10.87 -16.05
N ALA C 304 14.33 -11.86 -15.76
CA ALA C 304 13.41 -11.75 -14.64
C ALA C 304 14.12 -11.43 -13.32
N GLY C 305 15.31 -12.01 -13.08
CA GLY C 305 15.99 -11.82 -11.81
C GLY C 305 16.43 -10.37 -11.61
N TRP C 306 16.80 -9.74 -12.72
CA TRP C 306 17.15 -8.32 -12.69
C TRP C 306 15.90 -7.51 -12.34
N ALA C 307 14.78 -7.87 -12.94
CA ALA C 307 13.56 -7.09 -12.66
C ALA C 307 13.20 -7.21 -11.17
N GLN C 308 13.31 -8.42 -10.61
CA GLN C 308 13.06 -8.63 -9.20
C GLN C 308 13.92 -7.69 -8.32
N ALA C 309 15.17 -7.52 -8.71
CA ALA C 309 16.07 -6.68 -7.91
C ALA C 309 15.61 -5.21 -7.91
N VAL C 310 15.00 -4.75 -9.02
CA VAL C 310 14.45 -3.40 -9.06
C VAL C 310 13.32 -3.29 -8.01
N LEU C 311 12.43 -4.29 -7.97
CA LEU C 311 11.33 -4.29 -7.04
C LEU C 311 11.88 -4.28 -5.62
N PHE C 312 12.86 -5.14 -5.34
CA PHE C 312 13.43 -5.18 -4.00
C PHE C 312 13.95 -3.80 -3.61
N SER C 313 14.67 -3.11 -4.51
CA SER C 313 15.25 -1.81 -4.19
C SER C 313 14.17 -0.80 -3.79
N ALA C 314 13.02 -0.91 -4.43
CA ALA C 314 11.91 0.00 -4.22
C ALA C 314 11.11 -0.37 -2.98
N ASP C 315 11.15 -1.65 -2.58
CA ASP C 315 10.42 -2.09 -1.40
C ASP C 315 11.16 -1.74 -0.12
N LEU C 316 12.49 -1.51 -0.20
CA LEU C 316 13.31 -1.18 0.97
C LEU C 316 13.25 0.32 1.21
N ARG C 317 13.26 1.12 0.12
CA ARG C 317 13.34 2.57 0.24
C ARG C 317 12.06 3.17 -0.36
C4 A1IL2 D . -9.25 2.65 -17.91
C5 A1IL2 D . -11.22 2.40 -16.27
C6 A1IL2 D . -11.34 1.03 -16.09
C11 A1IL2 D . -8.91 1.31 -18.11
C7 A1IL2 D . -12.18 0.57 -15.08
C8 A1IL2 D . -12.81 2.69 -14.50
C9 A1IL2 D . -12.18 4.66 -15.32
C10 A1IL2 D . -11.97 3.27 -15.45
C12 A1IL2 D . -7.71 1.02 -18.72
N1 A1IL2 D . -10.43 3.02 -17.27
N2 A1IL2 D . -12.92 1.36 -14.28
C3 A1IL2 D . -8.40 3.65 -18.33
N3 A1IL2 D . -13.44 3.71 -13.86
CL1 A1IL2 D . -5.35 1.70 -19.87
C1 A1IL2 D . -6.86 2.04 -19.12
C2 A1IL2 D . -7.20 3.35 -18.92
N4 A1IL2 D . -13.05 4.92 -14.36
CL2 A1IL2 D . -7.33 -0.65 -18.98
H4 A1IL2 D . -10.83 0.43 -16.63
H8 A1IL2 D . -9.48 0.62 -17.85
H5 A1IL2 D . -12.26 -0.36 -14.95
H7 A1IL2 D . -11.76 5.33 -15.83
H3 A1IL2 D . -10.77 3.79 -17.55
H2 A1IL2 D . -8.62 4.55 -18.17
H6 A1IL2 D . -14.01 3.69 -13.21
H1 A1IL2 D . -6.61 4.03 -19.19
NI NI E . -4.99 -13.60 -1.56
S SO4 F . -11.47 5.56 -46.71
O1 SO4 F . -11.45 5.72 -45.26
O2 SO4 F . -10.40 4.66 -47.11
O3 SO4 F . -12.75 5.02 -47.10
O4 SO4 F . -11.31 6.85 -47.34
#